data_5YLV
#
_entry.id   5YLV
#
_cell.length_a   105.050
_cell.length_b   105.050
_cell.length_c   368.540
_cell.angle_alpha   90.000
_cell.angle_beta   90.000
_cell.angle_gamma   120.000
#
_symmetry.space_group_name_H-M   'P 31 2 1'
#
loop_
_entity.id
_entity.type
_entity.pdbx_description
1 polymer 'Potassium-transporting ATPase alpha chain 1'
2 polymer 'Potassium-transporting ATPase subunit beta'
3 non-polymer 2-(2-methyl-8-phenylmethoxy-imidazo[1,2-a]pyridin-3-yl)ethanenitrile
4 non-polymer 'MAGNESIUM ION'
5 non-polymer 'O-DODECANYL OCTAETHYLENE GLYCOL'
6 non-polymer 'RUBIDIUM ION'
7 non-polymer 2-acetamido-2-deoxy-beta-D-glucopyranose
8 non-polymer 1,2-DIOLEOYL-SN-GLYCERO-3-PHOSPHOCHOLINE
9 water water
#
loop_
_entity_poly.entity_id
_entity_poly.type
_entity_poly.pdbx_seq_one_letter_code
_entity_poly.pdbx_strand_id
1 'polypeptide(L)'
;MGKAENYELYQVELGPGPSGDMAAKMSKKKAGRGGGKRKEKLENMKKEMEINDHQLSVAELEQKYQTSATKGLSASLAAE
LLLRDGPNALRPPRGTPEYVKFARQLAGGLQCLMWVAAAICLIAFAIQASEGDLTTDDNLYLALALIAVVVVTGCFGYYQ
EFKSTNIIASFKNLVPQQATVIRDGDKFQINADQLVVGDLVEMKGGDRVPADIRILQAQGCKVDNSSLTGESEPQTRSPE
CTHESPLETRNIAFFSTMCLEGTAQGLVVNTGDRTIIGRIASLASGVENEKTPIAIEIEHFVDIIAGLAILFGATFFIVA
MCIGYTFLRAMVFFMAIVVAYVPEGLLATVTVCLSLTAKRLASKNCVVKNLEAVETLGSTSVICS(BFD)KTGTLTQNRM
TVSHLWFDNHIHSADTTEDQSGQTFDQSSETWRALCRVLTLCNRAAFKSGQDAVPVPKRIVIGDASETALLKFSELTLGN
AMGYRERFPKVCEIPFNSTNKFQLSIHTLEDPRDPRHVLVMKGAPERVLERCSSILIKGQELPLDEQWREAFQTAYLSLG
GLGERVLGFCQLYLSEKDYPPGYAFDVEAMNFPTSGLCFAGLVSMIDPPRATVPDAVLKCRTAGIRVIMVTGDHPITAKA
IAASVGIISEGSETVEDIAARLRVPVDQVNRKDARACVINGMQLKDMDPSELVEALRTHPEMVFARTSPQQKLVIVESCQ
RLGAIVAVTGDGVNDSPALKKADIGVAMGIAGSDAAKNAADMILLDDNFASIVTGVEQGRLIFDNLKKSIAYTLTKNIPE
LTPYLIYITVSVPLPLGCITILFIELCTDIFPSVSLAYEKAESDIMHLRPRNPKRDRLVNEPLAAYSYFQIGAIQSFAGF
TDYFTAMAQEGWFPLLCVGLRPQWENHHLQDLQDSYGQEWTFGQRLYQQYTCYTVFFISIEMCQIADVLIRKTRRLSAFQ
QGFFRNRILVIAIVFQVCIGCFLCYCPGMPNIFNFMPIRFQWWLVPMPFSLLIFVYDEIRKLGVRCCPGSWWDQELYY
;
A
2 'polypeptide(L)'
;AALQEKKSCSQRMEEFQRYCWNPDTGQMLGRTLSRWVWISLYYVAFYVVMSGIFALCIYVLMRTIDPYTPDYQDQLKSPG
VTLRPDVYGEKGLDISYNVSDSTTWAGLAHTLHRFLAGYSPAAQEGSINCTSEKYFFQESFLAPNHTKFSCKFTADMLQN
CSGRPDPTFGFAEGKPCFIIKMNRIVKFLPGNSTAPRVDCAFLDQPRDGPPLQVEYFPANGTYSLHYFPYYGKKAQPHYS
NPLVAAKLLNVPRNRDVVIVCKILAEHVSFDNPHDPYEGKVEFKLKIQK
;
B
#
# COMPACT_ATOMS: atom_id res chain seq x y z
N GLU A 48 11.83 20.85 -37.21
CA GLU A 48 12.02 22.16 -36.63
C GLU A 48 13.17 22.92 -37.28
N MET A 49 14.37 22.68 -36.78
CA MET A 49 15.60 23.22 -37.36
C MET A 49 16.47 22.15 -38.01
N GLU A 50 16.62 21.00 -37.35
CA GLU A 50 17.58 19.99 -37.80
C GLU A 50 17.17 19.38 -39.13
N ILE A 51 15.86 19.27 -39.41
CA ILE A 51 15.37 18.60 -40.62
C ILE A 51 15.94 19.28 -41.87
N ASN A 52 16.46 20.49 -41.74
CA ASN A 52 17.29 21.10 -42.77
C ASN A 52 18.74 21.34 -42.34
N ASP A 53 19.05 21.31 -41.04
CA ASP A 53 20.42 21.62 -40.59
C ASP A 53 21.44 20.66 -41.18
N HIS A 54 21.15 19.35 -41.12
CA HIS A 54 22.10 18.41 -41.71
C HIS A 54 22.18 18.59 -43.21
N GLN A 55 21.10 19.06 -43.83
CA GLN A 55 21.11 19.19 -45.29
C GLN A 55 21.81 20.45 -45.76
N LEU A 56 22.06 21.42 -44.89
CA LEU A 56 22.64 22.68 -45.33
C LEU A 56 24.11 22.52 -45.72
N SER A 57 24.56 23.40 -46.61
CA SER A 57 25.97 23.49 -46.95
C SER A 57 26.70 24.19 -45.82
N VAL A 58 28.02 23.98 -45.77
CA VAL A 58 28.81 24.60 -44.71
C VAL A 58 28.66 26.11 -44.77
N ALA A 59 28.63 26.67 -45.97
CA ALA A 59 28.41 28.10 -46.16
C ALA A 59 27.10 28.54 -45.53
N GLU A 60 26.01 27.83 -45.86
CA GLU A 60 24.72 28.13 -45.24
C GLU A 60 24.75 27.89 -43.74
N LEU A 61 25.55 26.92 -43.27
CA LEU A 61 25.55 26.60 -41.84
C LEU A 61 26.22 27.70 -41.03
N GLU A 62 27.40 28.15 -41.44
CA GLU A 62 28.05 29.25 -40.71
C GLU A 62 27.34 30.56 -40.96
N GLN A 63 26.67 30.71 -42.11
CA GLN A 63 25.82 31.87 -42.34
C GLN A 63 24.67 31.90 -41.33
N LYS A 64 23.92 30.80 -41.25
CA LYS A 64 22.78 30.68 -40.34
C LYS A 64 23.18 30.98 -38.91
N TYR A 65 24.09 30.17 -38.37
CA TYR A 65 24.49 30.19 -36.97
C TYR A 65 25.51 31.26 -36.64
N GLN A 66 25.94 32.05 -37.64
CA GLN A 66 26.94 33.11 -37.47
C GLN A 66 28.17 32.56 -36.75
N THR A 67 28.85 31.64 -37.43
CA THR A 67 29.96 30.90 -36.82
C THR A 67 30.99 30.57 -37.89
N SER A 68 32.01 29.80 -37.49
CA SER A 68 33.07 29.39 -38.42
C SER A 68 33.27 27.88 -38.34
N ALA A 69 33.24 27.22 -39.50
CA ALA A 69 33.37 25.77 -39.53
C ALA A 69 34.76 25.29 -39.13
N THR A 70 35.71 26.23 -38.95
CA THR A 70 37.10 25.97 -38.64
C THR A 70 37.57 26.69 -37.39
N LYS A 71 36.99 27.85 -37.06
CA LYS A 71 37.39 28.65 -35.91
C LYS A 71 36.31 28.83 -34.84
N GLY A 72 35.02 28.81 -35.21
CA GLY A 72 33.95 28.81 -34.22
C GLY A 72 33.37 30.17 -33.84
N LEU A 73 32.66 30.14 -32.71
CA LEU A 73 32.01 31.32 -32.17
C LEU A 73 33.02 32.22 -31.49
N SER A 74 32.85 33.53 -31.63
CA SER A 74 33.63 34.45 -30.80
C SER A 74 33.32 34.22 -29.34
N ALA A 75 34.20 34.69 -28.45
CA ALA A 75 33.93 34.41 -27.06
C ALA A 75 32.71 35.17 -26.59
N SER A 76 32.62 36.44 -27.00
CA SER A 76 31.48 37.28 -26.67
C SER A 76 30.19 36.65 -27.17
N LEU A 77 30.14 36.32 -28.47
CA LEU A 77 28.88 35.87 -29.04
C LEU A 77 28.38 34.65 -28.31
N ALA A 78 29.21 33.60 -28.22
CA ALA A 78 28.83 32.40 -27.50
C ALA A 78 28.31 32.73 -26.10
N ALA A 79 28.96 33.67 -25.40
CA ALA A 79 28.46 34.02 -24.06
C ALA A 79 27.03 34.55 -24.11
N GLU A 80 26.76 35.45 -25.07
CA GLU A 80 25.41 36.00 -25.24
C GLU A 80 24.43 34.87 -25.54
N LEU A 81 24.69 34.13 -26.61
CA LEU A 81 23.90 32.96 -26.94
C LEU A 81 23.54 32.12 -25.71
N LEU A 82 24.50 31.92 -24.81
CA LEU A 82 24.20 31.16 -23.60
C LEU A 82 23.16 31.86 -22.75
N LEU A 83 23.29 33.19 -22.56
CA LEU A 83 22.24 33.92 -21.85
C LEU A 83 20.90 33.73 -22.55
N ARG A 84 20.90 33.91 -23.87
CA ARG A 84 19.67 33.85 -24.67
C ARG A 84 18.94 32.53 -24.48
N ASP A 85 19.69 31.42 -24.41
CA ASP A 85 19.11 30.11 -24.62
C ASP A 85 19.12 29.24 -23.37
N GLY A 86 19.79 29.69 -22.31
CA GLY A 86 19.93 28.89 -21.11
C GLY A 86 20.91 27.77 -21.33
N PRO A 87 21.26 27.06 -20.24
CA PRO A 87 22.31 26.03 -20.34
C PRO A 87 21.93 24.91 -21.31
N ASN A 88 22.97 24.33 -21.90
CA ASN A 88 22.86 23.11 -22.71
C ASN A 88 22.60 21.92 -21.79
N ALA A 89 21.36 21.81 -21.37
CA ALA A 89 20.98 20.79 -20.41
C ALA A 89 19.47 20.63 -20.45
N LEU A 90 19.03 19.45 -20.08
CA LEU A 90 17.64 19.14 -20.12
C LEU A 90 16.93 19.64 -18.92
N ARG A 91 15.85 20.34 -19.16
CA ARG A 91 15.10 20.88 -18.07
C ARG A 91 14.47 19.75 -17.33
N PRO A 92 14.55 19.82 -16.02
CA PRO A 92 13.91 18.89 -15.10
C PRO A 92 12.48 19.38 -14.84
N PRO A 93 11.66 18.57 -14.17
CA PRO A 93 10.31 19.07 -13.88
C PRO A 93 10.47 20.31 -13.02
N ARG A 94 9.79 21.39 -13.39
CA ARG A 94 9.94 22.66 -12.69
C ARG A 94 9.51 22.77 -11.23
N GLY A 95 8.38 22.17 -10.86
CA GLY A 95 7.94 22.33 -9.48
C GLY A 95 7.53 21.16 -8.63
N THR A 96 8.15 21.07 -7.47
CA THR A 96 7.83 20.03 -6.53
C THR A 96 7.70 20.73 -5.20
N PRO A 97 6.62 21.51 -5.02
CA PRO A 97 6.52 22.19 -3.73
C PRO A 97 6.32 21.09 -2.72
N GLU A 98 7.16 21.02 -1.71
CA GLU A 98 7.04 19.88 -0.82
C GLU A 98 5.64 19.73 -0.24
N TYR A 99 4.82 20.78 -0.24
CA TYR A 99 3.49 20.69 0.34
C TYR A 99 2.47 20.09 -0.62
N VAL A 100 2.68 20.19 -1.94
CA VAL A 100 1.72 19.54 -2.82
C VAL A 100 1.97 18.04 -2.90
N LYS A 101 3.19 17.59 -2.59
CA LYS A 101 3.43 16.16 -2.39
C LYS A 101 2.48 15.60 -1.34
N PHE A 102 2.46 16.26 -0.18
CA PHE A 102 1.53 15.94 0.89
C PHE A 102 0.07 16.06 0.45
N ALA A 103 -0.27 17.19 -0.18
CA ALA A 103 -1.66 17.40 -0.57
C ALA A 103 -2.13 16.32 -1.52
N ARG A 104 -1.22 15.75 -2.32
CA ARG A 104 -1.62 14.64 -3.18
C ARG A 104 -1.69 13.33 -2.41
N GLN A 105 -0.88 13.20 -1.35
CA GLN A 105 -0.99 12.02 -0.48
C GLN A 105 -2.35 11.91 0.20
N LEU A 106 -3.14 12.99 0.25
CA LEU A 106 -4.38 12.96 1.01
C LEU A 106 -5.59 12.64 0.16
N ALA A 107 -5.40 12.33 -1.13
CA ALA A 107 -6.48 11.89 -1.99
C ALA A 107 -6.41 10.38 -2.18
N GLY A 108 -7.39 9.84 -2.92
CA GLY A 108 -7.51 8.41 -3.12
C GLY A 108 -8.81 7.84 -2.62
N GLY A 109 -9.29 6.75 -3.23
CA GLY A 109 -10.60 6.17 -2.94
C GLY A 109 -11.00 6.07 -1.49
N LEU A 110 -10.20 5.35 -0.70
CA LEU A 110 -10.42 5.33 0.74
C LEU A 110 -10.41 6.75 1.30
N GLN A 111 -9.40 7.55 0.98
CA GLN A 111 -9.29 8.84 1.63
C GLN A 111 -10.43 9.76 1.24
N CYS A 112 -10.88 9.70 -0.01
CA CYS A 112 -12.10 10.42 -0.34
C CYS A 112 -13.25 9.96 0.54
N LEU A 113 -13.34 8.64 0.76
CA LEU A 113 -14.41 8.13 1.61
C LEU A 113 -14.28 8.64 3.04
N MET A 114 -13.09 8.53 3.62
CA MET A 114 -12.87 9.02 4.97
C MET A 114 -13.20 10.50 5.08
N TRP A 115 -12.86 11.30 4.08
CA TRP A 115 -13.12 12.73 4.13
C TRP A 115 -14.63 13.00 4.15
N VAL A 116 -15.35 12.46 3.14
CA VAL A 116 -16.81 12.56 3.16
C VAL A 116 -17.35 12.15 4.53
N ALA A 117 -16.88 11.00 5.06
CA ALA A 117 -17.38 10.52 6.34
C ALA A 117 -17.07 11.48 7.48
N ALA A 118 -15.96 12.20 7.40
CA ALA A 118 -15.68 13.22 8.40
C ALA A 118 -16.67 14.37 8.29
N ALA A 119 -16.85 14.90 7.08
CA ALA A 119 -17.85 15.94 6.88
C ALA A 119 -19.17 15.50 7.51
N ILE A 120 -19.71 14.37 7.04
CA ILE A 120 -20.98 13.84 7.55
C ILE A 120 -20.99 13.76 9.08
N CYS A 121 -19.90 13.28 9.69
CA CYS A 121 -19.78 13.45 11.13
C CYS A 121 -20.12 14.87 11.57
N LEU A 122 -19.45 15.89 10.99
CA LEU A 122 -19.57 17.24 11.54
C LEU A 122 -20.93 17.87 11.22
N ILE A 123 -21.41 17.75 9.98
CA ILE A 123 -22.78 18.16 9.69
C ILE A 123 -23.76 17.53 10.69
N ALA A 124 -23.54 16.26 11.04
CA ALA A 124 -24.42 15.65 12.04
C ALA A 124 -24.24 16.29 13.42
N PHE A 125 -23.00 16.71 13.74
CA PHE A 125 -22.77 17.39 15.02
C PHE A 125 -23.49 18.73 15.09
N ALA A 126 -23.44 19.52 14.01
CA ALA A 126 -24.30 20.69 13.89
C ALA A 126 -25.76 20.33 14.15
N ILE A 127 -26.30 19.37 13.38
CA ILE A 127 -27.74 19.09 13.46
C ILE A 127 -28.14 18.66 14.86
N GLN A 128 -27.23 18.03 15.59
CA GLN A 128 -27.58 17.63 16.95
C GLN A 128 -27.48 18.80 17.91
N ALA A 129 -26.31 19.47 17.96
CA ALA A 129 -26.12 20.56 18.92
C ALA A 129 -27.19 21.63 18.77
N SER A 130 -27.60 21.93 17.54
CA SER A 130 -28.65 22.94 17.34
C SER A 130 -29.92 22.58 18.09
N GLU A 131 -30.31 21.30 18.10
CA GLU A 131 -31.49 20.88 18.84
C GLU A 131 -31.14 20.27 20.20
N GLY A 132 -30.02 20.69 20.79
CA GLY A 132 -29.72 20.37 22.19
C GLY A 132 -29.58 18.90 22.54
N ASP A 133 -28.96 18.10 21.66
CA ASP A 133 -28.65 16.69 21.95
C ASP A 133 -27.25 16.58 22.56
N LEU A 134 -27.16 15.96 23.72
CA LEU A 134 -25.89 15.86 24.43
C LEU A 134 -25.07 14.68 23.92
N THR A 135 -23.84 14.58 24.44
CA THR A 135 -22.88 13.56 24.01
C THR A 135 -22.70 13.59 22.49
N THR A 136 -22.72 14.80 21.92
CA THR A 136 -22.30 14.95 20.53
C THR A 136 -20.80 14.76 20.38
N ASP A 137 -20.07 14.68 21.50
CA ASP A 137 -18.62 14.56 21.42
C ASP A 137 -18.20 13.31 20.65
N ASP A 138 -19.05 12.29 20.61
CA ASP A 138 -18.78 11.11 19.78
C ASP A 138 -18.60 11.47 18.31
N ASN A 139 -19.47 12.35 17.78
CA ASN A 139 -19.28 12.85 16.41
C ASN A 139 -17.91 13.49 16.25
N LEU A 140 -17.46 14.25 17.25
CA LEU A 140 -16.20 14.96 17.10
C LEU A 140 -15.05 13.98 17.02
N TYR A 141 -14.91 13.15 18.05
CA TYR A 141 -13.94 12.07 18.05
C TYR A 141 -13.87 11.37 16.70
N LEU A 142 -14.99 10.80 16.24
CA LEU A 142 -15.02 10.11 14.95
C LEU A 142 -14.34 10.90 13.84
N ALA A 143 -14.67 12.19 13.71
CA ALA A 143 -14.08 12.94 12.62
C ALA A 143 -12.61 13.22 12.88
N LEU A 144 -12.28 13.65 14.10
CA LEU A 144 -10.87 13.88 14.42
C LEU A 144 -10.06 12.63 14.12
N ALA A 145 -10.52 11.47 14.60
CA ALA A 145 -9.88 10.21 14.23
C ALA A 145 -9.74 10.08 12.73
N LEU A 146 -10.86 10.14 12.00
CA LEU A 146 -10.84 9.90 10.55
C LEU A 146 -9.77 10.75 9.87
N ILE A 147 -9.93 12.07 9.97
CA ILE A 147 -8.93 13.02 9.47
C ILE A 147 -7.53 12.59 9.91
N ALA A 148 -7.35 12.42 11.23
CA ALA A 148 -6.04 12.00 11.75
C ALA A 148 -5.48 10.81 10.96
N VAL A 149 -6.27 9.75 10.82
CA VAL A 149 -5.75 8.55 10.16
C VAL A 149 -5.23 8.89 8.78
N VAL A 150 -6.03 9.63 7.99
CA VAL A 150 -5.60 9.90 6.62
C VAL A 150 -4.39 10.82 6.63
N VAL A 151 -4.34 11.78 7.55
CA VAL A 151 -3.15 12.62 7.63
C VAL A 151 -1.93 11.78 7.93
N VAL A 152 -2.05 10.81 8.86
CA VAL A 152 -0.85 10.16 9.35
C VAL A 152 -0.32 9.19 8.30
N THR A 153 -1.19 8.31 7.79
CA THR A 153 -0.90 7.61 6.54
C THR A 153 -0.23 8.58 5.55
N GLY A 154 -0.83 9.74 5.35
CA GLY A 154 -0.28 10.73 4.43
C GLY A 154 1.20 10.99 4.66
N CYS A 155 1.56 11.38 5.90
CA CYS A 155 2.96 11.65 6.21
C CYS A 155 3.80 10.43 5.87
N PHE A 156 3.38 9.25 6.33
CA PHE A 156 4.00 7.98 5.94
C PHE A 156 4.25 7.99 4.44
N GLY A 157 3.17 7.98 3.66
CA GLY A 157 3.31 7.87 2.22
C GLY A 157 4.22 8.93 1.63
N TYR A 158 4.29 10.09 2.27
CA TYR A 158 5.15 11.15 1.76
C TYR A 158 6.61 10.85 2.11
N TYR A 159 6.88 10.58 3.38
CA TYR A 159 8.27 10.35 3.79
C TYR A 159 8.86 9.13 3.10
N GLN A 160 8.10 8.03 3.02
CA GLN A 160 8.47 6.89 2.19
C GLN A 160 8.94 7.31 0.81
N GLU A 161 8.09 8.03 0.06
CA GLU A 161 8.49 8.48 -1.27
C GLU A 161 9.80 9.25 -1.22
N PHE A 162 9.94 10.16 -0.23
CA PHE A 162 11.20 10.85 0.02
C PHE A 162 12.35 9.87 0.08
N LYS A 163 12.25 8.89 0.98
CA LYS A 163 13.29 7.90 1.17
C LYS A 163 13.49 7.03 -0.06
N SER A 164 12.53 6.93 -0.98
CA SER A 164 12.85 6.25 -2.23
C SER A 164 13.69 7.16 -3.11
N THR A 165 13.24 8.41 -3.30
CA THR A 165 13.83 9.29 -4.28
C THR A 165 15.24 9.71 -3.92
N ASN A 166 15.59 9.67 -2.63
CA ASN A 166 16.97 9.90 -2.24
C ASN A 166 17.87 8.72 -2.61
N ILE A 167 17.43 7.49 -2.36
CA ILE A 167 18.28 6.33 -2.66
C ILE A 167 18.59 6.25 -4.15
N ILE A 168 17.56 6.42 -4.99
CA ILE A 168 17.75 6.50 -6.44
C ILE A 168 18.73 7.63 -6.76
N ALA A 169 18.54 8.79 -6.12
CA ALA A 169 19.45 9.91 -6.35
C ALA A 169 20.85 9.64 -5.81
N SER A 170 20.97 8.75 -4.82
CA SER A 170 22.28 8.34 -4.36
C SER A 170 23.11 7.70 -5.46
N PHE A 171 22.47 7.20 -6.51
CA PHE A 171 23.17 6.41 -7.50
C PHE A 171 23.64 7.24 -8.69
N LYS A 172 23.11 8.44 -8.86
CA LYS A 172 23.43 9.26 -10.01
C LYS A 172 24.84 9.83 -9.92
N ASN A 173 25.42 10.10 -11.09
CA ASN A 173 26.77 10.65 -11.23
C ASN A 173 26.65 12.16 -11.46
N LEU A 174 27.07 12.95 -10.49
CA LEU A 174 26.82 14.39 -10.53
C LEU A 174 28.05 15.21 -10.90
N VAL A 175 29.09 14.59 -11.48
CA VAL A 175 30.22 15.36 -11.98
C VAL A 175 29.88 15.86 -13.38
N PRO A 176 30.23 17.11 -13.71
CA PRO A 176 29.74 17.71 -14.96
C PRO A 176 30.40 17.08 -16.17
N GLN A 177 29.58 16.52 -17.06
CA GLN A 177 30.04 16.10 -18.37
C GLN A 177 30.73 17.28 -19.06
N GLN A 178 31.66 16.97 -19.96
CA GLN A 178 32.51 18.02 -20.53
C GLN A 178 32.53 17.93 -22.04
N ALA A 179 32.87 19.05 -22.64
CA ALA A 179 33.01 19.15 -24.08
C ALA A 179 34.35 19.80 -24.38
N THR A 180 34.94 19.41 -25.51
CA THR A 180 36.10 20.11 -26.05
C THR A 180 35.62 21.02 -27.19
N VAL A 181 35.58 22.31 -26.92
CA VAL A 181 35.03 23.31 -27.82
C VAL A 181 36.18 24.09 -28.40
N ILE A 182 35.95 24.64 -29.59
CA ILE A 182 36.89 25.52 -30.26
C ILE A 182 36.17 26.86 -30.44
N ARG A 183 36.71 27.92 -29.82
CA ARG A 183 36.14 29.27 -29.91
C ARG A 183 37.26 30.25 -30.22
N ASP A 184 37.05 31.13 -31.20
CA ASP A 184 38.09 32.05 -31.65
C ASP A 184 39.32 31.30 -32.15
N GLY A 185 39.10 30.12 -32.73
CA GLY A 185 40.20 29.23 -33.06
C GLY A 185 40.98 28.72 -31.87
N ASP A 186 40.35 28.51 -30.71
CA ASP A 186 41.08 27.98 -29.55
C ASP A 186 40.38 26.74 -28.99
N LYS A 187 41.12 25.64 -28.92
CA LYS A 187 40.54 24.40 -28.44
C LYS A 187 40.78 24.32 -26.95
N PHE A 188 39.70 24.19 -26.21
CA PHE A 188 39.79 24.09 -24.76
C PHE A 188 38.57 23.36 -24.25
N GLN A 189 38.59 23.07 -22.96
CA GLN A 189 37.60 22.23 -22.32
C GLN A 189 36.61 23.11 -21.57
N ILE A 190 35.32 22.94 -21.85
CA ILE A 190 34.26 23.58 -21.08
C ILE A 190 33.29 22.51 -20.62
N ASN A 191 32.43 22.91 -19.70
CA ASN A 191 31.33 22.07 -19.26
C ASN A 191 30.35 21.91 -20.40
N ALA A 192 29.77 20.71 -20.53
CA ALA A 192 28.88 20.45 -21.64
C ALA A 192 27.75 21.46 -21.68
N ASP A 193 27.28 21.93 -20.52
CA ASP A 193 26.14 22.82 -20.52
C ASP A 193 26.46 24.25 -20.91
N GLN A 194 27.72 24.61 -21.13
CA GLN A 194 27.98 25.96 -21.57
C GLN A 194 28.06 26.05 -23.07
N LEU A 195 27.77 24.94 -23.74
CA LEU A 195 27.70 24.90 -25.19
C LEU A 195 26.46 25.64 -25.65
N VAL A 196 26.59 26.33 -26.78
CA VAL A 196 25.46 27.06 -27.32
C VAL A 196 25.32 26.68 -28.78
N VAL A 197 24.17 27.01 -29.35
CA VAL A 197 23.92 26.63 -30.72
C VAL A 197 24.91 27.36 -31.62
N GLY A 198 25.74 26.60 -32.33
CA GLY A 198 26.70 27.16 -33.26
C GLY A 198 28.15 26.87 -32.90
N ASP A 199 28.41 26.40 -31.68
CA ASP A 199 29.76 26.06 -31.25
C ASP A 199 30.38 25.01 -32.17
N LEU A 200 31.64 25.23 -32.51
CA LEU A 200 32.44 24.15 -33.10
C LEU A 200 32.96 23.29 -31.97
N VAL A 201 32.62 22.00 -31.97
CA VAL A 201 33.16 21.10 -30.98
C VAL A 201 33.91 19.96 -31.66
N GLU A 202 34.60 19.18 -30.84
CA GLU A 202 35.45 18.09 -31.27
C GLU A 202 35.15 16.85 -30.44
N MET A 203 35.25 15.68 -31.04
CA MET A 203 34.99 14.43 -30.33
C MET A 203 36.06 13.44 -30.70
N LYS A 204 36.38 12.60 -29.73
CA LYS A 204 37.27 11.47 -29.91
C LYS A 204 36.64 10.27 -29.22
N GLY A 205 37.25 9.10 -29.41
CA GLY A 205 36.86 7.96 -28.62
C GLY A 205 36.77 8.32 -27.14
N GLY A 206 35.79 7.74 -26.45
CA GLY A 206 35.61 7.94 -25.04
C GLY A 206 34.70 9.09 -24.67
N ASP A 207 34.53 10.05 -25.57
CA ASP A 207 33.75 11.24 -25.30
C ASP A 207 32.26 10.94 -25.33
N ARG A 208 31.51 11.63 -24.46
CA ARG A 208 30.05 11.73 -24.57
C ARG A 208 29.74 12.86 -25.54
N VAL A 209 29.00 12.56 -26.59
CA VAL A 209 28.58 13.60 -27.53
C VAL A 209 27.85 14.67 -26.72
N PRO A 210 28.33 15.93 -26.69
CA PRO A 210 27.77 16.93 -25.78
C PRO A 210 26.55 17.69 -26.25
N ALA A 211 26.13 17.56 -27.50
CA ALA A 211 24.97 18.26 -28.00
C ALA A 211 24.49 17.58 -29.27
N ASP A 212 23.49 18.16 -29.93
CA ASP A 212 23.24 17.75 -31.30
C ASP A 212 24.24 18.52 -32.16
N ILE A 213 25.17 17.78 -32.76
CA ILE A 213 26.26 18.29 -33.56
C ILE A 213 26.03 17.85 -35.00
N ARG A 214 26.10 18.79 -35.93
CA ARG A 214 26.19 18.46 -37.35
C ARG A 214 27.63 18.14 -37.68
N ILE A 215 27.88 16.91 -38.12
CA ILE A 215 29.25 16.41 -38.32
C ILE A 215 29.87 17.11 -39.53
N LEU A 216 30.95 17.86 -39.30
CA LEU A 216 31.67 18.48 -40.41
C LEU A 216 32.87 17.69 -40.88
N GLN A 217 33.54 16.93 -40.00
CA GLN A 217 34.55 16.01 -40.51
C GLN A 217 34.75 14.85 -39.55
N ALA A 218 35.19 13.72 -40.09
CA ALA A 218 35.29 12.52 -39.28
C ALA A 218 36.32 11.59 -39.89
N GLN A 219 37.13 11.00 -39.02
CA GLN A 219 38.09 9.95 -39.32
C GLN A 219 37.64 8.76 -38.48
N GLY A 220 36.90 7.85 -39.10
CA GLY A 220 36.56 6.61 -38.44
C GLY A 220 35.74 6.81 -37.20
N CYS A 221 34.78 7.73 -37.26
CA CYS A 221 33.93 8.04 -36.11
C CYS A 221 32.82 7.01 -36.03
N LYS A 222 32.78 6.28 -34.93
CA LYS A 222 31.72 5.33 -34.70
C LYS A 222 31.16 5.58 -33.32
N VAL A 223 29.83 5.51 -33.23
CA VAL A 223 29.08 6.09 -32.13
C VAL A 223 28.02 5.12 -31.65
N ASP A 224 27.59 5.31 -30.38
CA ASP A 224 26.76 4.36 -29.63
C ASP A 224 25.39 5.00 -29.41
N ASN A 225 24.48 4.77 -30.35
CA ASN A 225 23.16 5.37 -30.29
C ASN A 225 22.14 4.53 -29.51
N SER A 226 22.60 3.49 -28.80
CA SER A 226 21.69 2.58 -28.11
C SER A 226 20.64 3.31 -27.28
N SER A 227 20.84 4.59 -26.98
CA SER A 227 19.90 5.25 -26.10
C SER A 227 18.79 5.94 -26.89
N LEU A 228 19.11 6.49 -28.05
CA LEU A 228 18.08 7.12 -28.87
C LEU A 228 17.37 6.09 -29.72
N THR A 229 18.12 5.46 -30.62
CA THR A 229 17.65 4.29 -31.35
C THR A 229 17.86 3.06 -30.47
N GLY A 230 17.45 1.89 -30.96
CA GLY A 230 17.84 0.82 -30.06
C GLY A 230 19.18 0.24 -30.41
N GLU A 231 19.80 0.80 -31.46
CA GLU A 231 20.88 0.17 -32.20
C GLU A 231 22.06 -0.21 -31.31
N SER A 232 22.27 -1.54 -31.19
CA SER A 232 23.40 -2.13 -30.47
C SER A 232 24.73 -1.97 -31.20
N GLU A 233 24.73 -2.02 -32.53
CA GLU A 233 25.98 -1.94 -33.25
C GLU A 233 26.48 -0.50 -33.38
N PRO A 234 27.79 -0.30 -33.28
CA PRO A 234 28.36 1.04 -33.50
C PRO A 234 27.82 1.65 -34.78
N GLN A 235 27.70 2.97 -34.80
CA GLN A 235 27.10 3.65 -35.94
C GLN A 235 28.09 4.66 -36.51
N THR A 236 28.38 4.53 -37.80
CA THR A 236 29.30 5.42 -38.49
C THR A 236 28.75 6.84 -38.52
N ARG A 237 29.56 7.80 -38.13
CA ARG A 237 29.24 9.20 -38.38
C ARG A 237 30.16 9.71 -39.48
N SER A 238 29.63 10.56 -40.36
CA SER A 238 30.41 11.07 -41.49
C SER A 238 29.74 12.35 -41.99
N PRO A 239 30.47 13.23 -42.68
CA PRO A 239 29.93 14.58 -42.94
C PRO A 239 28.83 14.64 -44.00
N GLU A 240 28.67 13.63 -44.84
CA GLU A 240 27.74 13.75 -45.94
C GLU A 240 26.34 13.30 -45.56
N CYS A 241 25.35 14.09 -45.97
CA CYS A 241 23.94 13.83 -45.71
C CYS A 241 23.45 12.47 -46.23
N THR A 242 23.28 11.50 -45.32
CA THR A 242 22.79 10.15 -45.63
C THR A 242 21.27 10.05 -45.75
N HIS A 243 20.53 10.96 -45.13
CA HIS A 243 19.08 10.86 -45.11
C HIS A 243 18.48 12.26 -45.06
N GLU A 244 17.15 12.31 -45.13
CA GLU A 244 16.44 13.56 -44.87
C GLU A 244 15.93 13.62 -43.43
N SER A 245 15.57 12.49 -42.87
CA SER A 245 15.26 12.41 -41.45
C SER A 245 16.55 12.51 -40.64
N PRO A 246 16.72 13.51 -39.78
CA PRO A 246 17.94 13.58 -38.98
C PRO A 246 18.13 12.38 -38.07
N LEU A 247 17.08 11.62 -37.76
CA LEU A 247 17.28 10.45 -36.91
C LEU A 247 18.10 9.38 -37.61
N GLU A 248 18.02 9.33 -38.94
CA GLU A 248 18.66 8.28 -39.71
C GLU A 248 19.78 8.82 -40.60
N THR A 249 20.04 10.12 -40.57
CA THR A 249 21.16 10.68 -41.29
C THR A 249 22.46 10.35 -40.56
N ARG A 250 23.56 10.32 -41.30
CA ARG A 250 24.83 9.97 -40.69
C ARG A 250 25.61 11.17 -40.20
N ASN A 251 25.32 12.37 -40.70
CA ASN A 251 26.06 13.57 -40.34
C ASN A 251 25.48 14.29 -39.14
N ILE A 252 24.90 13.57 -38.18
CA ILE A 252 24.45 14.16 -36.93
C ILE A 252 24.78 13.21 -35.80
N ALA A 253 25.44 13.73 -34.76
CA ALA A 253 25.69 13.01 -33.52
C ALA A 253 24.74 13.56 -32.47
N PHE A 254 24.32 12.72 -31.52
CA PHE A 254 23.14 13.02 -30.73
C PHE A 254 23.51 13.28 -29.28
N PHE A 255 22.84 14.29 -28.69
CA PHE A 255 23.33 14.93 -27.48
C PHE A 255 23.56 13.96 -26.35
N SER A 256 22.80 12.89 -26.24
CA SER A 256 23.05 12.06 -25.06
C SER A 256 24.18 11.04 -25.24
N THR A 257 24.55 10.70 -26.49
CA THR A 257 25.20 9.45 -26.86
C THR A 257 26.73 9.48 -26.70
N MET A 258 27.35 8.31 -26.92
CA MET A 258 28.76 8.06 -26.67
C MET A 258 29.51 7.83 -27.98
N CYS A 259 30.69 8.44 -28.10
CA CYS A 259 31.56 8.23 -29.25
C CYS A 259 32.46 7.05 -28.93
N LEU A 260 32.24 5.93 -29.63
CA LEU A 260 32.99 4.72 -29.36
C LEU A 260 34.44 4.85 -29.80
N GLU A 261 34.67 5.48 -30.97
CA GLU A 261 36.00 5.42 -31.55
C GLU A 261 36.13 6.39 -32.71
N GLY A 262 37.38 6.72 -33.02
CA GLY A 262 37.62 7.61 -34.14
C GLY A 262 37.65 9.06 -33.73
N THR A 263 37.32 9.94 -34.67
CA THR A 263 37.38 11.34 -34.30
C THR A 263 36.49 12.15 -35.23
N ALA A 264 35.91 13.23 -34.70
CA ALA A 264 34.97 14.02 -35.49
C ALA A 264 34.95 15.45 -34.97
N GLN A 265 34.48 16.36 -35.83
CA GLN A 265 34.41 17.78 -35.53
C GLN A 265 33.16 18.31 -36.18
N GLY A 266 32.45 19.20 -35.48
CA GLY A 266 31.20 19.64 -36.06
C GLY A 266 30.51 20.65 -35.20
N LEU A 267 29.41 21.18 -35.75
CA LEU A 267 28.77 22.40 -35.29
C LEU A 267 27.56 22.07 -34.44
N VAL A 268 27.47 22.67 -33.24
CA VAL A 268 26.31 22.38 -32.41
C VAL A 268 25.06 22.89 -33.09
N VAL A 269 24.18 21.99 -33.51
CA VAL A 269 22.95 22.44 -34.13
C VAL A 269 21.77 22.47 -33.16
N ASN A 270 21.86 21.81 -32.00
CA ASN A 270 20.79 22.00 -31.04
C ASN A 270 21.25 21.62 -29.65
N THR A 271 20.63 22.27 -28.64
CA THR A 271 21.05 22.22 -27.24
C THR A 271 19.86 22.03 -26.33
N GLY A 272 20.11 21.45 -25.17
CA GLY A 272 19.07 21.31 -24.16
C GLY A 272 17.88 20.54 -24.67
N ASP A 273 16.68 21.00 -24.27
CA ASP A 273 15.44 20.33 -24.62
C ASP A 273 15.12 20.42 -26.10
N ARG A 274 15.84 21.24 -26.85
CA ARG A 274 15.67 21.23 -28.30
C ARG A 274 16.38 20.05 -28.97
N THR A 275 17.23 19.32 -28.26
CA THR A 275 17.86 18.15 -28.85
C THR A 275 16.82 17.06 -29.08
N ILE A 276 17.21 16.04 -29.86
CA ILE A 276 16.38 14.84 -30.01
C ILE A 276 16.04 14.27 -28.66
N ILE A 277 17.02 14.23 -27.77
CA ILE A 277 16.82 13.70 -26.43
C ILE A 277 15.80 14.55 -25.68
N GLY A 278 15.89 15.86 -25.83
CA GLY A 278 14.97 16.73 -25.13
C GLY A 278 13.55 16.63 -25.66
N ARG A 279 13.41 16.45 -26.96
CA ARG A 279 12.07 16.23 -27.48
C ARG A 279 11.50 14.90 -27.03
N ILE A 280 12.32 13.84 -26.97
CA ILE A 280 11.81 12.56 -26.46
C ILE A 280 11.34 12.71 -25.02
N ALA A 281 12.11 13.42 -24.17
CA ALA A 281 11.72 13.55 -22.78
C ALA A 281 10.54 14.49 -22.60
N SER A 282 10.36 15.45 -23.51
CA SER A 282 9.10 16.19 -23.57
C SER A 282 7.94 15.23 -23.81
N LEU A 283 7.97 14.55 -24.95
CA LEU A 283 6.96 13.57 -25.31
C LEU A 283 6.60 12.69 -24.13
N ALA A 284 7.61 12.25 -23.35
CA ALA A 284 7.32 11.40 -22.20
C ALA A 284 6.82 12.19 -21.00
N SER A 285 7.06 13.50 -20.94
CA SER A 285 6.42 14.30 -19.91
C SER A 285 4.93 14.41 -20.19
N GLY A 286 4.55 14.79 -21.41
CA GLY A 286 3.15 14.90 -21.78
C GLY A 286 2.38 13.59 -21.69
N VAL A 287 3.06 12.46 -21.72
CA VAL A 287 2.38 11.19 -21.47
C VAL A 287 1.80 11.23 -20.08
N GLU A 288 0.54 10.85 -19.94
CA GLU A 288 -0.07 10.76 -18.61
C GLU A 288 -0.36 9.31 -18.31
N ASN A 289 0.05 8.88 -17.12
CA ASN A 289 -0.03 7.48 -16.77
C ASN A 289 -1.39 7.18 -16.16
N GLU A 290 -1.91 5.99 -16.47
CA GLU A 290 -3.23 5.60 -16.02
C GLU A 290 -3.24 5.35 -14.52
N LYS A 291 -4.42 5.08 -14.01
CA LYS A 291 -4.57 4.68 -12.63
C LYS A 291 -4.00 3.28 -12.46
N THR A 292 -3.41 3.03 -11.31
CA THR A 292 -2.79 1.74 -11.03
C THR A 292 -3.86 0.68 -10.70
N PRO A 293 -3.55 -0.61 -10.94
CA PRO A 293 -4.54 -1.67 -10.62
C PRO A 293 -4.96 -1.72 -9.17
N ILE A 294 -4.05 -1.54 -8.22
CA ILE A 294 -4.44 -1.63 -6.83
C ILE A 294 -5.40 -0.51 -6.48
N ALA A 295 -5.14 0.70 -7.00
CA ALA A 295 -6.04 1.81 -6.74
C ALA A 295 -7.42 1.53 -7.31
N ILE A 296 -7.47 1.08 -8.57
CA ILE A 296 -8.74 0.69 -9.17
C ILE A 296 -9.48 -0.32 -8.28
N GLU A 297 -8.77 -1.29 -7.72
CA GLU A 297 -9.43 -2.26 -6.82
C GLU A 297 -9.98 -1.59 -5.57
N ILE A 298 -9.18 -0.73 -4.94
CA ILE A 298 -9.66 -0.04 -3.73
C ILE A 298 -10.87 0.81 -4.06
N GLU A 299 -10.86 1.51 -5.18
CA GLU A 299 -11.99 2.34 -5.56
C GLU A 299 -13.25 1.50 -5.77
N HIS A 300 -13.10 0.33 -6.40
CA HIS A 300 -14.27 -0.51 -6.62
C HIS A 300 -14.86 -1.01 -5.30
N PHE A 301 -14.01 -1.22 -4.29
CA PHE A 301 -14.62 -1.72 -3.07
C PHE A 301 -15.09 -0.61 -2.16
N VAL A 302 -14.52 0.59 -2.29
CA VAL A 302 -15.16 1.77 -1.72
C VAL A 302 -16.52 2.00 -2.35
N ASP A 303 -16.69 1.61 -3.62
CA ASP A 303 -18.03 1.63 -4.23
C ASP A 303 -18.96 0.58 -3.61
N ILE A 304 -18.45 -0.61 -3.29
CA ILE A 304 -19.29 -1.54 -2.55
C ILE A 304 -19.73 -0.95 -1.22
N ILE A 305 -18.76 -0.47 -0.42
CA ILE A 305 -19.07 0.06 0.91
C ILE A 305 -20.06 1.22 0.83
N ALA A 306 -19.81 2.18 -0.08
CA ALA A 306 -20.77 3.24 -0.34
C ALA A 306 -22.17 2.68 -0.61
N GLY A 307 -22.30 1.79 -1.60
CA GLY A 307 -23.61 1.23 -1.88
C GLY A 307 -24.31 0.73 -0.63
N LEU A 308 -23.60 -0.04 0.19
CA LEU A 308 -24.27 -0.66 1.34
C LEU A 308 -24.60 0.36 2.42
N ALA A 309 -23.72 1.35 2.62
CA ALA A 309 -24.01 2.37 3.62
C ALA A 309 -25.18 3.25 3.18
N ILE A 310 -25.19 3.68 1.92
CA ILE A 310 -26.33 4.42 1.39
C ILE A 310 -27.62 3.65 1.61
N LEU A 311 -27.67 2.34 1.24
CA LEU A 311 -29.00 1.73 1.34
C LEU A 311 -29.36 1.38 2.78
N PHE A 312 -28.39 1.01 3.62
CA PHE A 312 -28.73 0.79 5.02
C PHE A 312 -29.26 2.07 5.66
N GLY A 313 -28.59 3.18 5.40
CA GLY A 313 -29.13 4.48 5.80
C GLY A 313 -30.54 4.70 5.31
N ALA A 314 -30.78 4.51 4.00
CA ALA A 314 -32.11 4.70 3.45
C ALA A 314 -33.13 3.91 4.22
N THR A 315 -33.00 2.58 4.23
CA THR A 315 -34.04 1.76 4.82
C THR A 315 -34.19 2.04 6.32
N PHE A 316 -33.10 2.29 7.04
CA PHE A 316 -33.34 2.54 8.45
C PHE A 316 -33.78 3.96 8.74
N PHE A 317 -33.69 4.86 7.78
CA PHE A 317 -34.26 6.20 7.95
C PHE A 317 -35.75 6.17 7.71
N ILE A 318 -36.17 5.56 6.59
CA ILE A 318 -37.60 5.24 6.37
C ILE A 318 -38.19 4.56 7.61
N VAL A 319 -37.56 3.48 8.06
CA VAL A 319 -37.98 2.83 9.29
C VAL A 319 -38.06 3.83 10.43
N ALA A 320 -37.05 4.69 10.55
CA ALA A 320 -36.98 5.58 11.71
C ALA A 320 -38.16 6.56 11.76
N MET A 321 -38.61 7.04 10.59
CA MET A 321 -39.83 7.83 10.54
C MET A 321 -41.04 7.01 10.96
N CYS A 322 -41.19 5.80 10.38
CA CYS A 322 -42.36 5.01 10.76
C CYS A 322 -42.36 4.51 12.22
N ILE A 323 -41.48 4.96 13.12
CA ILE A 323 -41.58 4.67 14.55
C ILE A 323 -41.70 5.94 15.38
N GLY A 324 -41.85 7.09 14.70
CA GLY A 324 -42.14 8.34 15.37
C GLY A 324 -40.91 9.12 15.76
N TYR A 325 -39.92 9.18 14.87
CA TYR A 325 -38.74 9.99 15.11
C TYR A 325 -38.87 11.28 14.33
N THR A 326 -38.31 12.36 14.88
CA THR A 326 -38.23 13.59 14.11
C THR A 326 -37.38 13.35 12.88
N PHE A 327 -37.84 13.84 11.73
CA PHE A 327 -37.08 13.88 10.48
C PHE A 327 -35.62 14.22 10.77
N LEU A 328 -35.40 15.19 11.65
CA LEU A 328 -34.05 15.56 12.05
C LEU A 328 -33.27 14.35 12.57
N ARG A 329 -33.88 13.57 13.46
CA ARG A 329 -33.05 12.51 14.04
C ARG A 329 -33.04 11.22 13.22
N ALA A 330 -34.02 10.99 12.35
CA ALA A 330 -33.83 9.89 11.41
C ALA A 330 -32.74 10.22 10.41
N MET A 331 -32.55 11.52 10.12
CA MET A 331 -31.42 11.89 9.29
C MET A 331 -30.09 11.82 10.05
N VAL A 332 -30.09 12.12 11.35
CA VAL A 332 -28.83 11.94 12.07
C VAL A 332 -28.50 10.46 12.22
N PHE A 333 -29.51 9.59 12.19
CA PHE A 333 -29.21 8.15 12.22
C PHE A 333 -28.68 7.71 10.87
N PHE A 334 -29.36 8.10 9.79
CA PHE A 334 -28.84 7.88 8.44
C PHE A 334 -27.35 8.20 8.37
N MET A 335 -26.99 9.41 8.83
CA MET A 335 -25.58 9.80 8.86
C MET A 335 -24.76 8.85 9.72
N ALA A 336 -25.16 8.61 10.97
CA ALA A 336 -24.37 7.71 11.85
C ALA A 336 -24.17 6.32 11.23
N ILE A 337 -25.09 5.88 10.37
CA ILE A 337 -25.01 4.55 9.81
C ILE A 337 -24.01 4.52 8.66
N VAL A 338 -24.20 5.41 7.67
CA VAL A 338 -23.22 5.40 6.59
C VAL A 338 -21.82 5.66 7.13
N VAL A 339 -21.69 6.45 8.20
CA VAL A 339 -20.36 6.61 8.78
C VAL A 339 -19.87 5.29 9.37
N ALA A 340 -20.74 4.53 10.06
CA ALA A 340 -20.29 3.27 10.64
C ALA A 340 -19.86 2.26 9.60
N TYR A 341 -20.35 2.38 8.36
CA TYR A 341 -19.80 1.46 7.36
C TYR A 341 -18.38 1.83 6.89
N VAL A 342 -17.79 2.93 7.37
CA VAL A 342 -16.45 3.35 6.96
C VAL A 342 -15.42 2.80 7.94
N PRO A 343 -14.44 2.02 7.51
CA PRO A 343 -13.46 1.47 8.45
C PRO A 343 -12.34 2.47 8.73
N GLU A 344 -12.36 3.11 9.91
CA GLU A 344 -11.38 4.15 10.19
C GLU A 344 -9.94 3.70 9.95
N GLY A 345 -9.66 2.41 10.11
CA GLY A 345 -8.27 1.98 10.10
C GLY A 345 -7.75 1.32 8.83
N LEU A 346 -8.62 1.00 7.88
CA LEU A 346 -8.17 0.14 6.79
C LEU A 346 -7.08 0.81 5.96
N LEU A 347 -7.10 2.15 5.87
CA LEU A 347 -6.04 2.84 5.12
C LEU A 347 -4.69 2.60 5.76
N ALA A 348 -4.63 2.70 7.08
CA ALA A 348 -3.41 2.37 7.81
C ALA A 348 -2.93 0.95 7.49
N THR A 349 -3.83 -0.03 7.62
CA THR A 349 -3.39 -1.41 7.43
C THR A 349 -2.97 -1.67 5.98
N VAL A 350 -3.74 -1.18 5.01
CA VAL A 350 -3.34 -1.37 3.62
C VAL A 350 -1.95 -0.76 3.37
N THR A 351 -1.73 0.48 3.83
CA THR A 351 -0.44 1.05 3.46
C THR A 351 0.70 0.34 4.19
N VAL A 352 0.54 -0.07 5.46
CA VAL A 352 1.70 -0.73 6.04
C VAL A 352 1.91 -2.11 5.42
N CYS A 353 0.83 -2.77 4.95
CA CYS A 353 0.99 -4.01 4.20
C CYS A 353 1.85 -3.79 2.96
N LEU A 354 1.37 -2.92 2.05
CA LEU A 354 2.15 -2.50 0.89
C LEU A 354 3.57 -2.12 1.28
N SER A 355 3.75 -1.35 2.35
CA SER A 355 5.08 -0.90 2.70
C SER A 355 5.98 -2.08 3.08
N LEU A 356 5.41 -3.10 3.74
CA LEU A 356 6.24 -4.28 4.01
C LEU A 356 6.70 -4.94 2.72
N THR A 357 5.81 -5.10 1.72
CA THR A 357 6.32 -5.61 0.46
C THR A 357 7.39 -4.68 -0.14
N ALA A 358 7.26 -3.37 0.05
CA ALA A 358 8.29 -2.51 -0.48
C ALA A 358 9.62 -2.77 0.22
N LYS A 359 9.59 -3.08 1.52
CA LYS A 359 10.80 -3.49 2.21
C LYS A 359 11.37 -4.79 1.63
N ARG A 360 10.51 -5.78 1.38
CA ARG A 360 11.04 -7.02 0.78
C ARG A 360 11.76 -6.71 -0.50
N LEU A 361 11.15 -5.91 -1.38
CA LEU A 361 11.75 -5.67 -2.69
C LEU A 361 12.99 -4.80 -2.61
N ALA A 362 13.00 -3.81 -1.72
CA ALA A 362 14.20 -3.00 -1.51
C ALA A 362 15.37 -3.90 -1.15
N SER A 363 15.13 -4.86 -0.26
CA SER A 363 16.24 -5.67 0.19
C SER A 363 16.77 -6.60 -0.88
N LYS A 364 16.12 -6.69 -2.03
CA LYS A 364 16.70 -7.34 -3.22
C LYS A 364 17.03 -6.31 -4.31
N ASN A 365 17.37 -5.08 -3.90
CA ASN A 365 17.82 -3.98 -4.76
C ASN A 365 16.74 -3.50 -5.72
N CYS A 366 15.48 -3.78 -5.42
CA CYS A 366 14.34 -3.32 -6.20
C CYS A 366 13.67 -2.18 -5.42
N VAL A 367 13.73 -0.97 -5.96
CA VAL A 367 13.29 0.22 -5.24
C VAL A 367 12.07 0.73 -5.95
N VAL A 368 10.99 0.93 -5.22
CA VAL A 368 9.70 1.32 -5.78
C VAL A 368 9.40 2.74 -5.33
N LYS A 369 8.84 3.55 -6.22
CA LYS A 369 8.71 4.98 -5.89
C LYS A 369 7.52 5.22 -4.99
N ASN A 370 6.35 4.70 -5.39
CA ASN A 370 5.12 4.80 -4.61
C ASN A 370 4.63 3.39 -4.27
N LEU A 371 3.93 3.27 -3.13
CA LEU A 371 3.61 1.95 -2.59
C LEU A 371 2.68 1.17 -3.51
N GLU A 372 1.75 1.84 -4.16
CA GLU A 372 0.86 1.14 -5.09
C GLU A 372 1.64 0.27 -6.05
N ALA A 373 2.77 0.78 -6.52
CA ALA A 373 3.50 0.07 -7.58
C ALA A 373 4.00 -1.29 -7.13
N VAL A 374 4.25 -1.46 -5.83
CA VAL A 374 4.59 -2.74 -5.22
C VAL A 374 3.74 -3.88 -5.76
N GLU A 375 2.47 -3.60 -6.05
CA GLU A 375 1.58 -4.68 -6.47
C GLU A 375 1.57 -4.91 -7.97
N THR A 376 1.81 -3.89 -8.80
CA THR A 376 1.41 -3.98 -10.20
C THR A 376 1.95 -5.23 -10.90
N LEU A 377 3.20 -5.62 -10.62
CA LEU A 377 3.76 -6.76 -11.37
C LEU A 377 2.99 -8.05 -11.10
N GLY A 378 2.40 -8.19 -9.90
CA GLY A 378 1.49 -9.30 -9.67
C GLY A 378 0.32 -9.38 -10.65
N SER A 379 -0.31 -8.25 -10.95
CA SER A 379 -1.47 -8.29 -11.83
C SER A 379 -1.09 -8.24 -13.29
N THR A 380 0.19 -8.02 -13.57
CA THR A 380 0.63 -7.83 -14.94
C THR A 380 0.38 -9.09 -15.73
N SER A 381 0.08 -8.91 -17.00
CA SER A 381 -0.18 -10.00 -17.91
C SER A 381 0.57 -9.85 -19.22
N VAL A 382 1.12 -8.68 -19.52
CA VAL A 382 2.00 -8.49 -20.67
C VAL A 382 3.25 -7.77 -20.20
N ILE A 383 4.40 -8.15 -20.73
CA ILE A 383 5.64 -7.44 -20.49
C ILE A 383 6.14 -7.02 -21.85
N CYS A 384 6.21 -5.73 -22.07
CA CYS A 384 6.78 -5.21 -23.27
C CYS A 384 8.17 -4.88 -22.80
N SER A 385 9.17 -5.43 -23.44
CA SER A 385 10.53 -5.22 -23.00
C SER A 385 11.40 -4.67 -24.05
N LYS A 387 15.20 -4.21 -25.68
CA LYS A 387 16.20 -5.26 -25.91
C LYS A 387 17.56 -4.71 -25.44
N THR A 388 18.19 -3.88 -26.28
CA THR A 388 19.50 -3.30 -26.00
C THR A 388 19.68 -2.65 -24.63
N GLY A 389 20.48 -3.26 -23.76
CA GLY A 389 20.75 -2.72 -22.45
C GLY A 389 19.73 -3.12 -21.40
N THR A 390 18.59 -3.66 -21.83
CA THR A 390 17.58 -4.22 -20.93
C THR A 390 17.70 -5.71 -20.92
N LEU A 391 17.27 -6.39 -21.98
CA LEU A 391 17.57 -7.81 -22.14
C LEU A 391 19.09 -8.03 -22.32
N THR A 392 19.73 -7.23 -23.17
CA THR A 392 21.16 -7.39 -23.39
C THR A 392 21.94 -6.53 -22.39
N GLN A 393 23.27 -6.57 -22.52
CA GLN A 393 24.21 -5.81 -21.71
C GLN A 393 24.60 -4.50 -22.38
N ASN A 394 24.34 -4.40 -23.68
CA ASN A 394 24.92 -3.35 -24.51
C ASN A 394 26.42 -3.23 -24.24
N ARG A 395 27.12 -4.29 -24.63
CA ARG A 395 28.54 -4.39 -24.32
C ARG A 395 29.10 -5.42 -25.29
N MET A 396 29.66 -4.95 -26.41
CA MET A 396 30.30 -5.84 -27.37
C MET A 396 31.22 -6.81 -26.64
N THR A 397 30.89 -8.09 -26.74
CA THR A 397 31.55 -9.15 -26.02
C THR A 397 32.01 -10.19 -27.02
N VAL A 398 33.16 -10.80 -26.74
CA VAL A 398 33.63 -11.90 -27.57
C VAL A 398 32.72 -13.08 -27.33
N SER A 399 32.09 -13.58 -28.39
CA SER A 399 31.17 -14.69 -28.19
C SER A 399 31.69 -15.99 -28.76
N HIS A 400 32.31 -15.97 -29.94
CA HIS A 400 32.63 -17.15 -30.73
C HIS A 400 34.07 -17.07 -31.25
N LEU A 401 34.65 -18.24 -31.55
CA LEU A 401 35.99 -18.35 -32.13
C LEU A 401 36.00 -19.49 -33.13
N TRP A 402 36.80 -19.36 -34.20
CA TRP A 402 37.03 -20.48 -35.12
C TRP A 402 38.52 -20.76 -35.22
N PHE A 403 38.93 -21.89 -34.66
CA PHE A 403 40.31 -22.33 -34.72
C PHE A 403 40.29 -23.85 -34.53
N ASP A 404 41.28 -24.52 -35.12
CA ASP A 404 41.34 -25.99 -35.07
C ASP A 404 40.12 -26.61 -35.73
N ASN A 405 39.64 -25.98 -36.81
CA ASN A 405 38.54 -26.52 -37.60
C ASN A 405 37.26 -26.67 -36.79
N HIS A 406 37.06 -25.78 -35.80
CA HIS A 406 35.92 -25.86 -34.90
C HIS A 406 35.48 -24.46 -34.47
N ILE A 407 34.17 -24.33 -34.22
CA ILE A 407 33.58 -23.09 -33.73
C ILE A 407 33.36 -23.23 -32.23
N HIS A 408 34.15 -22.48 -31.47
CA HIS A 408 34.06 -22.39 -30.02
C HIS A 408 33.18 -21.22 -29.62
N SER A 409 32.69 -21.28 -28.39
CA SER A 409 31.76 -20.28 -27.88
C SER A 409 32.20 -19.88 -26.48
N ALA A 410 32.45 -18.60 -26.30
CA ALA A 410 32.91 -18.05 -25.06
C ALA A 410 31.75 -17.82 -24.11
N ASP A 411 32.06 -17.81 -22.83
CA ASP A 411 31.09 -17.37 -21.82
C ASP A 411 30.90 -15.86 -21.98
N THR A 412 29.71 -15.44 -22.41
CA THR A 412 29.42 -14.02 -22.59
C THR A 412 28.76 -13.38 -21.37
N THR A 413 28.39 -14.17 -20.34
CA THR A 413 27.77 -13.58 -19.17
C THR A 413 28.72 -12.62 -18.46
N GLU A 414 28.13 -11.72 -17.68
CA GLU A 414 28.85 -10.63 -17.03
C GLU A 414 29.43 -11.03 -15.68
N ASP A 415 28.92 -12.11 -15.07
CA ASP A 415 29.51 -12.67 -13.86
C ASP A 415 30.22 -13.98 -14.12
N GLN A 416 30.40 -14.33 -15.40
CA GLN A 416 31.13 -15.54 -15.80
C GLN A 416 30.57 -16.77 -15.11
N SER A 417 29.24 -16.89 -15.17
CA SER A 417 28.49 -18.03 -14.68
C SER A 417 28.14 -19.02 -15.77
N GLY A 418 28.67 -18.80 -16.97
CA GLY A 418 28.43 -19.68 -18.10
C GLY A 418 29.53 -20.70 -18.22
N GLN A 419 29.71 -21.19 -19.44
CA GLN A 419 30.59 -22.33 -19.71
C GLN A 419 31.58 -21.93 -20.79
N THR A 420 32.87 -22.03 -20.47
CA THR A 420 33.88 -21.49 -21.36
C THR A 420 34.24 -22.51 -22.44
N PHE A 421 35.12 -22.11 -23.37
CA PHE A 421 35.53 -22.91 -24.51
C PHE A 421 36.86 -23.60 -24.23
N ASP A 422 37.29 -24.44 -25.17
CA ASP A 422 38.41 -25.35 -24.94
C ASP A 422 39.76 -24.62 -25.05
N GLN A 423 40.38 -24.37 -23.90
CA GLN A 423 41.60 -23.56 -23.92
C GLN A 423 42.88 -24.39 -23.90
N SER A 424 42.80 -25.68 -24.21
CA SER A 424 43.97 -26.56 -24.03
C SER A 424 44.98 -26.47 -25.16
N SER A 425 44.54 -26.16 -26.38
CA SER A 425 45.33 -26.44 -27.58
C SER A 425 46.41 -25.39 -27.85
N GLU A 426 47.46 -25.84 -28.56
CA GLU A 426 48.48 -24.92 -29.05
C GLU A 426 47.88 -23.83 -29.92
N THR A 427 46.99 -24.22 -30.85
CA THR A 427 46.37 -23.22 -31.71
C THR A 427 45.73 -22.11 -30.89
N TRP A 428 45.06 -22.47 -29.79
CA TRP A 428 44.48 -21.45 -28.92
C TRP A 428 45.55 -20.47 -28.47
N ARG A 429 46.58 -20.96 -27.80
CA ARG A 429 47.55 -20.02 -27.21
C ARG A 429 48.25 -19.18 -28.27
N ALA A 430 48.31 -19.68 -29.51
CA ALA A 430 48.82 -18.82 -30.56
C ALA A 430 47.84 -17.68 -30.86
N LEU A 431 46.57 -18.03 -31.11
CA LEU A 431 45.52 -17.04 -31.30
C LEU A 431 45.43 -16.07 -30.13
N CYS A 432 45.39 -16.60 -28.91
CA CYS A 432 45.46 -15.78 -27.70
C CYS A 432 46.61 -14.79 -27.74
N ARG A 433 47.76 -15.21 -28.27
CA ARG A 433 48.90 -14.30 -28.35
C ARG A 433 48.67 -13.22 -29.38
N VAL A 434 48.19 -13.58 -30.57
CA VAL A 434 47.95 -12.57 -31.60
C VAL A 434 46.94 -11.54 -31.13
N LEU A 435 45.88 -12.00 -30.45
CA LEU A 435 44.83 -11.08 -30.04
C LEU A 435 45.21 -10.30 -28.80
N THR A 436 46.13 -10.82 -27.99
CA THR A 436 46.58 -10.07 -26.83
C THR A 436 47.66 -9.05 -27.18
N LEU A 437 48.49 -9.36 -28.18
CA LEU A 437 49.56 -8.47 -28.57
C LEU A 437 49.12 -7.46 -29.60
N CYS A 438 48.22 -7.85 -30.52
CA CYS A 438 47.78 -6.93 -31.57
C CYS A 438 46.52 -6.20 -31.12
N ASN A 439 46.74 -5.23 -30.23
CA ASN A 439 45.68 -4.46 -29.58
C ASN A 439 46.31 -3.37 -28.71
N ARG A 440 45.87 -2.13 -28.88
CA ARG A 440 46.42 -1.01 -28.14
C ARG A 440 45.47 -0.49 -27.06
N ALA A 441 44.28 -1.09 -26.91
CA ALA A 441 43.38 -0.71 -25.82
C ALA A 441 44.03 -0.98 -24.47
N ALA A 442 43.41 -0.47 -23.40
CA ALA A 442 43.99 -0.56 -22.05
C ALA A 442 42.97 -0.16 -20.99
N PHE A 443 43.10 -0.81 -19.83
CA PHE A 443 42.21 -0.55 -18.71
C PHE A 443 42.56 0.76 -18.00
N LYS A 444 41.54 1.53 -17.65
CA LYS A 444 41.75 2.60 -16.68
C LYS A 444 42.25 2.00 -15.38
N SER A 445 43.02 2.79 -14.63
CA SER A 445 43.73 2.25 -13.47
C SER A 445 42.84 2.21 -12.23
N GLY A 446 43.35 1.56 -11.20
CA GLY A 446 42.62 1.46 -9.95
C GLY A 446 41.34 0.68 -10.10
N GLN A 447 41.36 -0.39 -10.89
CA GLN A 447 40.16 -1.15 -11.17
C GLN A 447 40.32 -2.62 -10.82
N ASP A 448 41.28 -2.96 -9.95
CA ASP A 448 41.59 -4.37 -9.69
C ASP A 448 40.44 -5.09 -9.00
N ALA A 449 39.49 -4.36 -8.41
CA ALA A 449 38.37 -4.96 -7.69
C ALA A 449 37.08 -5.02 -8.50
N VAL A 450 36.90 -4.15 -9.48
CA VAL A 450 35.66 -4.12 -10.25
C VAL A 450 35.68 -5.22 -11.30
N PRO A 451 34.61 -6.01 -11.42
CA PRO A 451 34.59 -7.13 -12.38
C PRO A 451 35.02 -6.69 -13.76
N VAL A 452 35.64 -7.63 -14.47
CA VAL A 452 36.25 -7.30 -15.76
C VAL A 452 35.23 -6.87 -16.81
N PRO A 453 34.01 -7.42 -16.88
CA PRO A 453 33.10 -6.88 -17.90
C PRO A 453 32.66 -5.47 -17.60
N LYS A 454 32.71 -5.07 -16.33
CA LYS A 454 32.25 -3.75 -15.91
C LYS A 454 33.37 -2.69 -15.90
N ARG A 455 34.57 -3.02 -16.38
CA ARG A 455 35.71 -2.11 -16.30
C ARG A 455 35.67 -1.07 -17.42
N ILE A 456 36.01 0.17 -17.08
CA ILE A 456 36.20 1.19 -18.11
C ILE A 456 37.53 0.93 -18.81
N VAL A 457 37.59 1.30 -20.11
CA VAL A 457 38.73 1.02 -20.96
C VAL A 457 38.92 2.19 -21.94
N ILE A 458 40.15 2.40 -22.39
CA ILE A 458 40.42 3.36 -23.47
C ILE A 458 40.75 2.57 -24.73
N GLY A 459 39.80 2.51 -25.68
CA GLY A 459 40.04 1.78 -26.92
C GLY A 459 38.81 1.69 -27.80
N ASP A 460 38.97 1.22 -29.05
CA ASP A 460 37.85 1.02 -29.97
C ASP A 460 36.80 0.08 -29.40
N ALA A 461 35.71 -0.16 -30.12
CA ALA A 461 34.70 -1.10 -29.65
C ALA A 461 35.23 -2.54 -29.66
N SER A 462 35.72 -2.99 -30.83
CA SER A 462 36.33 -4.31 -30.99
C SER A 462 37.45 -4.53 -30.00
N GLU A 463 38.39 -3.58 -29.94
CA GLU A 463 39.61 -3.74 -29.14
C GLU A 463 39.31 -3.80 -27.66
N THR A 464 38.32 -3.02 -27.21
CA THR A 464 37.91 -3.10 -25.81
C THR A 464 37.37 -4.49 -25.51
N ALA A 465 36.48 -4.98 -26.38
CA ALA A 465 35.93 -6.32 -26.24
C ALA A 465 37.04 -7.36 -26.10
N LEU A 466 37.98 -7.36 -27.06
CA LEU A 466 39.08 -8.32 -27.06
C LEU A 466 39.96 -8.17 -25.81
N LEU A 467 40.24 -6.93 -25.37
CA LEU A 467 41.04 -6.76 -24.16
C LEU A 467 40.37 -7.42 -22.96
N LYS A 468 39.06 -7.19 -22.80
CA LYS A 468 38.36 -7.87 -21.72
C LYS A 468 38.37 -9.39 -21.93
N PHE A 469 38.42 -9.84 -23.19
CA PHE A 469 38.41 -11.27 -23.47
C PHE A 469 39.74 -11.90 -23.06
N SER A 470 40.85 -11.32 -23.52
CA SER A 470 42.18 -11.73 -23.11
C SER A 470 42.35 -11.66 -21.59
N GLU A 471 41.92 -10.57 -20.96
CA GLU A 471 42.03 -10.48 -19.50
C GLU A 471 41.22 -11.57 -18.80
N LEU A 472 40.08 -11.95 -19.35
CA LEU A 472 39.29 -12.98 -18.69
C LEU A 472 39.85 -14.37 -18.95
N THR A 473 40.50 -14.58 -20.09
CA THR A 473 40.97 -15.90 -20.46
C THR A 473 42.43 -16.14 -20.09
N LEU A 474 43.34 -15.25 -20.50
CA LEU A 474 44.78 -15.36 -20.24
C LEU A 474 45.19 -14.66 -18.95
N GLY A 475 44.45 -13.62 -18.55
CA GLY A 475 44.71 -12.92 -17.32
C GLY A 475 45.83 -11.90 -17.50
N ASN A 476 45.76 -10.79 -16.75
CA ASN A 476 46.70 -9.67 -16.85
C ASN A 476 47.21 -9.50 -18.28
N ALA A 477 46.35 -9.01 -19.17
CA ALA A 477 46.75 -8.94 -20.56
C ALA A 477 47.82 -7.87 -20.77
N MET A 478 47.69 -6.73 -20.09
CA MET A 478 48.60 -5.61 -20.33
C MET A 478 50.01 -5.96 -19.91
N GLY A 479 50.17 -6.64 -18.77
CA GLY A 479 51.46 -7.13 -18.37
C GLY A 479 52.04 -8.06 -19.42
N TYR A 480 51.30 -9.14 -19.68
CA TYR A 480 51.71 -10.12 -20.67
C TYR A 480 52.23 -9.46 -21.94
N ARG A 481 51.51 -8.48 -22.48
CA ARG A 481 51.94 -7.93 -23.76
C ARG A 481 53.04 -6.90 -23.61
N GLU A 482 53.20 -6.34 -22.40
CA GLU A 482 54.43 -5.60 -22.13
C GLU A 482 55.64 -6.51 -22.25
N ARG A 483 55.52 -7.78 -21.82
CA ARG A 483 56.65 -8.70 -21.85
C ARG A 483 57.07 -9.06 -23.27
N PHE A 484 56.34 -8.58 -24.27
CA PHE A 484 56.65 -8.84 -25.67
C PHE A 484 56.82 -7.50 -26.37
N PRO A 485 57.95 -6.80 -26.10
CA PRO A 485 58.19 -5.45 -26.66
C PRO A 485 57.78 -5.24 -28.10
N LYS A 486 56.92 -4.24 -28.31
CA LYS A 486 56.46 -3.86 -29.63
C LYS A 486 57.48 -2.94 -30.26
N VAL A 487 57.95 -3.32 -31.45
CA VAL A 487 58.95 -2.54 -32.18
C VAL A 487 58.46 -2.11 -33.54
N CYS A 488 57.27 -2.55 -33.96
CA CYS A 488 56.66 -1.95 -35.15
C CYS A 488 55.15 -2.00 -34.99
N GLU A 489 54.47 -1.17 -35.78
CA GLU A 489 53.03 -0.99 -35.64
C GLU A 489 52.48 -0.29 -36.87
N ILE A 490 51.48 -0.88 -37.50
CA ILE A 490 50.57 -0.23 -38.43
C ILE A 490 49.20 -0.20 -37.78
N PRO A 491 48.70 0.96 -37.34
CA PRO A 491 47.34 1.02 -36.80
C PRO A 491 46.30 0.71 -37.87
N PHE A 492 45.05 0.57 -37.44
CA PHE A 492 44.01 0.29 -38.42
C PHE A 492 43.94 1.41 -39.43
N ASN A 493 44.00 1.03 -40.71
CA ASN A 493 44.27 1.95 -41.80
C ASN A 493 43.33 1.63 -42.94
N SER A 494 42.67 2.67 -43.46
CA SER A 494 41.65 2.47 -44.49
C SER A 494 42.26 2.07 -45.84
N THR A 495 43.55 2.35 -46.06
CA THR A 495 44.26 1.90 -47.25
C THR A 495 44.98 0.56 -47.05
N ASN A 496 45.36 0.24 -45.80
CA ASN A 496 45.98 -1.04 -45.49
C ASN A 496 44.99 -2.06 -44.93
N LYS A 497 43.86 -1.61 -44.38
CA LYS A 497 42.70 -2.43 -44.12
C LYS A 497 42.92 -3.46 -43.02
N PHE A 498 44.08 -3.45 -42.35
CA PHE A 498 44.37 -4.32 -41.22
C PHE A 498 45.15 -3.54 -40.19
N GLN A 499 45.38 -4.17 -39.05
CA GLN A 499 46.27 -3.62 -38.04
C GLN A 499 47.34 -4.66 -37.72
N LEU A 500 48.59 -4.21 -37.70
CA LEU A 500 49.75 -5.09 -37.64
C LEU A 500 50.72 -4.58 -36.59
N SER A 501 51.47 -5.48 -35.96
CA SER A 501 52.56 -4.99 -35.12
C SER A 501 53.59 -6.09 -34.94
N ILE A 502 54.86 -5.69 -34.92
CA ILE A 502 55.99 -6.62 -34.83
C ILE A 502 56.61 -6.49 -33.46
N HIS A 503 56.95 -7.63 -32.84
CA HIS A 503 57.45 -7.68 -31.46
C HIS A 503 58.67 -8.60 -31.33
N THR A 504 59.57 -8.27 -30.40
CA THR A 504 60.53 -9.25 -29.91
C THR A 504 59.87 -10.11 -28.82
N LEU A 505 60.51 -11.23 -28.51
CA LEU A 505 59.84 -12.26 -27.71
C LEU A 505 60.21 -12.10 -26.23
N GLU A 506 59.92 -13.12 -25.44
CA GLU A 506 60.00 -13.02 -23.98
C GLU A 506 61.35 -13.50 -23.44
N ASP A 507 61.68 -14.80 -23.60
CA ASP A 507 62.94 -15.28 -23.06
C ASP A 507 64.11 -14.85 -23.96
N PRO A 508 65.31 -14.75 -23.39
CA PRO A 508 66.46 -14.29 -24.19
C PRO A 508 66.88 -15.30 -25.25
N ARG A 509 66.66 -16.60 -24.99
CA ARG A 509 67.13 -17.64 -25.90
C ARG A 509 66.47 -17.55 -27.27
N ASP A 510 65.27 -16.97 -27.36
CA ASP A 510 64.64 -16.79 -28.67
C ASP A 510 64.82 -15.35 -29.14
N PRO A 511 65.56 -15.13 -30.22
CA PRO A 511 65.88 -13.75 -30.66
C PRO A 511 65.00 -13.23 -31.79
N ARG A 512 64.05 -14.00 -32.30
CA ARG A 512 63.36 -13.53 -33.49
C ARG A 512 62.20 -12.62 -33.12
N HIS A 513 61.50 -12.14 -34.15
CA HIS A 513 60.34 -11.29 -34.02
C HIS A 513 59.10 -12.06 -34.40
N VAL A 514 57.95 -11.64 -33.86
CA VAL A 514 56.63 -12.14 -34.26
C VAL A 514 55.81 -10.97 -34.80
N LEU A 515 55.40 -11.08 -36.05
CA LEU A 515 54.44 -10.17 -36.64
C LEU A 515 53.04 -10.70 -36.32
N VAL A 516 52.20 -9.86 -35.69
CA VAL A 516 50.82 -10.19 -35.35
C VAL A 516 49.86 -9.27 -36.12
N MET A 517 48.76 -9.83 -36.60
CA MET A 517 47.87 -9.04 -37.42
C MET A 517 46.42 -9.40 -37.15
N LYS A 518 45.54 -8.41 -37.32
CA LYS A 518 44.11 -8.64 -37.16
C LYS A 518 43.35 -7.71 -38.09
N GLY A 519 42.28 -8.22 -38.67
CA GLY A 519 41.61 -7.44 -39.69
C GLY A 519 40.33 -8.13 -40.12
N ALA A 520 39.72 -7.59 -41.16
CA ALA A 520 38.54 -8.23 -41.68
C ALA A 520 38.90 -9.62 -42.19
N PRO A 521 38.02 -10.61 -42.00
CA PRO A 521 38.42 -12.00 -42.25
C PRO A 521 38.91 -12.28 -43.66
N GLU A 522 38.20 -11.79 -44.68
CA GLU A 522 38.63 -12.07 -46.04
C GLU A 522 39.98 -11.43 -46.32
N ARG A 523 40.17 -10.20 -45.85
CA ARG A 523 41.45 -9.51 -46.07
C ARG A 523 42.60 -10.20 -45.36
N VAL A 524 42.37 -10.73 -44.16
CA VAL A 524 43.40 -11.53 -43.52
C VAL A 524 43.72 -12.77 -44.36
N LEU A 525 42.69 -13.47 -44.84
CA LEU A 525 42.95 -14.72 -45.53
C LEU A 525 43.72 -14.49 -46.82
N GLU A 526 43.42 -13.40 -47.52
CA GLU A 526 44.16 -13.10 -48.74
C GLU A 526 45.65 -12.74 -48.50
N ARG A 527 46.13 -12.74 -47.25
CA ARG A 527 47.55 -12.59 -46.95
C ARG A 527 48.13 -13.78 -46.19
N CYS A 528 47.33 -14.80 -45.89
CA CYS A 528 47.86 -16.03 -45.33
C CYS A 528 48.06 -17.06 -46.44
N SER A 529 49.10 -17.88 -46.27
CA SER A 529 49.39 -19.02 -47.14
C SER A 529 49.37 -20.32 -46.35
N SER A 530 49.00 -20.25 -45.08
CA SER A 530 49.28 -21.29 -44.10
C SER A 530 48.22 -21.13 -43.03
N ILE A 531 48.14 -22.10 -42.12
CA ILE A 531 47.10 -22.10 -41.08
C ILE A 531 47.54 -23.03 -39.97
N LEU A 532 47.32 -22.61 -38.74
CA LEU A 532 47.63 -23.48 -37.62
C LEU A 532 46.47 -24.46 -37.41
N ILE A 533 46.77 -25.75 -37.29
CA ILE A 533 45.71 -26.75 -37.02
C ILE A 533 46.24 -27.82 -36.09
N LYS A 534 45.61 -27.97 -34.92
CA LYS A 534 45.69 -29.21 -34.15
C LYS A 534 47.15 -29.66 -33.88
N GLY A 535 48.07 -28.69 -33.76
CA GLY A 535 49.44 -28.98 -33.38
C GLY A 535 50.46 -28.79 -34.49
N GLN A 536 50.04 -28.28 -35.66
CA GLN A 536 50.90 -28.16 -36.83
C GLN A 536 50.58 -26.90 -37.59
N GLU A 537 51.21 -26.72 -38.74
CA GLU A 537 51.03 -25.52 -39.55
C GLU A 537 50.89 -25.94 -41.00
N LEU A 538 49.78 -25.95 -41.46
CA LEU A 538 49.48 -26.60 -42.71
C LEU A 538 49.45 -25.59 -43.85
N PRO A 539 49.87 -26.01 -45.02
CA PRO A 539 49.51 -25.27 -46.24
C PRO A 539 48.05 -24.90 -46.18
N LEU A 540 47.72 -23.78 -46.79
CA LEU A 540 46.36 -23.24 -46.72
C LEU A 540 45.69 -23.55 -48.06
N ASP A 541 45.29 -24.82 -48.20
CA ASP A 541 44.73 -25.33 -49.45
C ASP A 541 43.25 -25.01 -49.54
N GLU A 542 42.66 -25.36 -50.69
CA GLU A 542 41.28 -25.01 -50.98
C GLU A 542 40.31 -25.64 -49.97
N GLN A 543 40.63 -26.85 -49.47
CA GLN A 543 39.86 -27.38 -48.35
C GLN A 543 39.71 -26.31 -47.28
N TRP A 544 40.84 -25.79 -46.81
CA TRP A 544 40.83 -24.91 -45.66
C TRP A 544 40.18 -23.57 -45.96
N ARG A 545 40.24 -23.10 -47.20
CA ARG A 545 39.57 -21.85 -47.52
C ARG A 545 38.05 -22.04 -47.56
N GLU A 546 37.57 -23.13 -48.17
CA GLU A 546 36.13 -23.40 -48.09
C GLU A 546 35.69 -23.53 -46.63
N ALA A 547 36.50 -24.19 -45.80
CA ALA A 547 36.17 -24.31 -44.38
C ALA A 547 36.12 -22.93 -43.71
N PHE A 548 37.09 -22.08 -44.03
CA PHE A 548 37.13 -20.74 -43.48
C PHE A 548 35.90 -19.95 -43.89
N GLN A 549 35.57 -19.96 -45.18
CA GLN A 549 34.45 -19.15 -45.65
C GLN A 549 33.14 -19.64 -45.07
N THR A 550 32.95 -20.97 -44.91
CA THR A 550 31.74 -21.43 -44.21
C THR A 550 31.73 -20.93 -42.77
N ALA A 551 32.85 -20.98 -42.06
CA ALA A 551 32.84 -20.50 -40.67
C ALA A 551 32.58 -19.00 -40.65
N TYR A 552 33.12 -18.28 -41.63
CA TYR A 552 32.98 -16.83 -41.68
C TYR A 552 31.53 -16.43 -41.85
N LEU A 553 30.86 -17.00 -42.85
CA LEU A 553 29.47 -16.63 -43.09
C LEU A 553 28.54 -17.26 -42.05
N SER A 554 28.83 -18.47 -41.61
CA SER A 554 28.10 -19.02 -40.47
C SER A 554 28.08 -18.06 -39.29
N LEU A 555 29.22 -17.42 -38.99
CA LEU A 555 29.28 -16.55 -37.82
C LEU A 555 28.72 -15.16 -38.11
N GLY A 556 28.92 -14.65 -39.32
CA GLY A 556 28.25 -13.42 -39.72
C GLY A 556 26.73 -13.54 -39.71
N GLY A 557 26.21 -14.74 -40.05
CA GLY A 557 24.77 -14.94 -40.07
C GLY A 557 24.12 -14.74 -38.71
N LEU A 558 24.84 -15.06 -37.63
CA LEU A 558 24.35 -14.75 -36.28
C LEU A 558 24.33 -13.23 -36.05
N GLY A 559 24.69 -12.47 -37.09
CA GLY A 559 24.81 -11.03 -37.00
C GLY A 559 25.98 -10.55 -36.19
N GLU A 560 27.03 -11.36 -36.05
CA GLU A 560 28.15 -10.99 -35.20
C GLU A 560 29.20 -10.24 -36.02
N ARG A 561 30.08 -9.53 -35.32
CA ARG A 561 31.24 -8.86 -35.92
C ARG A 561 32.43 -9.79 -35.77
N VAL A 562 32.89 -10.36 -36.89
CA VAL A 562 33.99 -11.31 -36.89
C VAL A 562 35.21 -10.66 -37.53
N LEU A 563 36.39 -10.88 -36.91
CA LEU A 563 37.67 -10.48 -37.46
C LEU A 563 38.59 -11.68 -37.50
N GLY A 564 39.39 -11.79 -38.58
CA GLY A 564 40.50 -12.74 -38.63
C GLY A 564 41.77 -12.26 -37.90
N PHE A 565 42.60 -13.24 -37.56
CA PHE A 565 43.82 -13.03 -36.78
C PHE A 565 44.93 -13.91 -37.36
N CYS A 566 46.10 -13.33 -37.63
CA CYS A 566 47.19 -14.11 -38.20
C CYS A 566 48.52 -13.70 -37.60
N GLN A 567 49.58 -14.40 -38.02
CA GLN A 567 50.88 -14.25 -37.37
C GLN A 567 51.96 -14.79 -38.30
N LEU A 568 53.19 -14.39 -38.00
CA LEU A 568 54.37 -14.91 -38.69
C LEU A 568 55.58 -14.70 -37.78
N TYR A 569 56.36 -15.74 -37.55
CA TYR A 569 57.62 -15.57 -36.84
C TYR A 569 58.69 -15.25 -37.88
N LEU A 570 59.21 -14.02 -37.83
CA LEU A 570 60.26 -13.58 -38.74
C LEU A 570 61.60 -14.16 -38.31
N SER A 571 62.42 -14.47 -39.32
CA SER A 571 63.74 -15.04 -39.09
C SER A 571 64.62 -14.12 -38.23
N GLU A 572 65.63 -14.72 -37.61
CA GLU A 572 66.70 -13.93 -36.99
C GLU A 572 67.88 -13.74 -37.94
N LYS A 573 67.91 -14.48 -39.05
CA LYS A 573 68.86 -14.17 -40.12
C LYS A 573 68.44 -12.90 -40.85
N ASP A 574 67.20 -12.83 -41.33
CA ASP A 574 66.75 -11.72 -42.14
C ASP A 574 66.22 -10.53 -41.35
N TYR A 575 65.89 -10.72 -40.06
CA TYR A 575 65.38 -9.66 -39.20
C TYR A 575 66.07 -9.74 -37.84
N PRO A 576 67.33 -9.32 -37.77
CA PRO A 576 68.14 -9.58 -36.58
C PRO A 576 67.88 -8.57 -35.47
N PRO A 577 68.21 -8.93 -34.21
CA PRO A 577 67.83 -8.10 -33.06
C PRO A 577 68.26 -6.65 -33.21
N GLY A 578 67.29 -5.76 -33.35
CA GLY A 578 67.53 -4.37 -33.64
C GLY A 578 67.14 -3.95 -35.04
N TYR A 579 66.52 -4.84 -35.81
CA TYR A 579 66.18 -4.57 -37.21
C TYR A 579 65.27 -3.35 -37.33
N ALA A 580 65.48 -2.58 -38.40
CA ALA A 580 64.91 -1.24 -38.52
C ALA A 580 63.69 -1.26 -39.43
N PHE A 581 62.52 -1.59 -38.84
CA PHE A 581 61.31 -1.84 -39.61
C PHE A 581 60.72 -0.54 -40.12
N ASP A 582 60.59 -0.39 -41.42
CA ASP A 582 60.00 0.80 -42.02
C ASP A 582 58.64 0.42 -42.55
N VAL A 583 57.61 1.09 -42.06
CA VAL A 583 56.28 0.97 -42.61
C VAL A 583 56.31 1.34 -44.09
N GLU A 584 56.49 2.63 -44.40
CA GLU A 584 56.12 3.17 -45.71
C GLU A 584 56.69 2.35 -46.86
N ALA A 585 57.98 2.04 -46.79
CA ALA A 585 58.56 1.05 -47.68
C ALA A 585 58.46 -0.28 -46.94
N MET A 586 57.44 -1.07 -47.27
CA MET A 586 57.13 -2.22 -46.43
C MET A 586 58.24 -3.24 -46.59
N ASN A 587 59.22 -3.16 -45.68
CA ASN A 587 60.43 -3.97 -45.71
C ASN A 587 60.36 -5.17 -44.76
N PHE A 588 59.16 -5.57 -44.39
CA PHE A 588 58.86 -6.84 -43.74
C PHE A 588 57.68 -7.42 -44.48
N PRO A 589 57.43 -8.72 -44.34
CA PRO A 589 56.39 -9.35 -45.18
C PRO A 589 55.00 -9.04 -44.67
N THR A 590 54.08 -8.92 -45.62
CA THR A 590 52.67 -8.75 -45.30
C THR A 590 51.80 -9.68 -46.12
N SER A 591 52.40 -10.75 -46.66
CA SER A 591 51.68 -11.86 -47.28
C SER A 591 52.37 -13.17 -46.87
N GLY A 592 51.80 -14.30 -47.28
CA GLY A 592 52.31 -15.57 -46.78
C GLY A 592 52.32 -15.65 -45.26
N LEU A 593 51.26 -15.16 -44.62
CA LEU A 593 51.13 -15.18 -43.17
C LEU A 593 50.52 -16.52 -42.74
N CYS A 594 50.54 -16.76 -41.45
CA CYS A 594 50.01 -18.00 -40.89
C CYS A 594 48.73 -17.67 -40.16
N PHE A 595 47.60 -18.01 -40.80
CA PHE A 595 46.29 -17.78 -40.21
C PHE A 595 46.12 -18.54 -38.90
N ALA A 596 45.56 -17.85 -37.91
CA ALA A 596 45.42 -18.36 -36.55
C ALA A 596 43.99 -18.70 -36.19
N GLY A 597 43.05 -17.83 -36.50
CA GLY A 597 41.67 -18.06 -36.11
C GLY A 597 40.80 -16.86 -36.36
N LEU A 598 39.50 -17.08 -36.15
CA LEU A 598 38.49 -16.03 -36.13
C LEU A 598 38.05 -15.84 -34.69
N VAL A 599 37.87 -14.59 -34.29
CA VAL A 599 37.13 -14.25 -33.10
C VAL A 599 36.02 -13.31 -33.53
N SER A 600 34.84 -13.48 -32.91
CA SER A 600 33.62 -12.81 -33.33
C SER A 600 32.87 -12.38 -32.08
N MET A 601 32.09 -11.30 -32.22
CA MET A 601 31.57 -10.55 -31.08
C MET A 601 30.09 -10.22 -31.28
N ILE A 602 29.40 -9.93 -30.18
CA ILE A 602 27.99 -9.58 -30.21
C ILE A 602 27.58 -8.87 -28.93
N ASP A 603 26.41 -8.24 -28.90
CA ASP A 603 25.86 -7.63 -27.71
C ASP A 603 25.04 -8.77 -27.19
N PRO A 604 25.34 -9.25 -26.02
CA PRO A 604 24.72 -10.42 -25.44
C PRO A 604 23.79 -10.16 -24.32
N PRO A 605 22.93 -11.12 -24.03
CA PRO A 605 21.97 -10.99 -22.97
C PRO A 605 22.58 -10.96 -21.62
N ARG A 606 21.90 -10.31 -20.70
CA ARG A 606 22.35 -10.25 -19.35
C ARG A 606 22.22 -11.61 -18.73
N ALA A 607 23.10 -11.93 -17.83
CA ALA A 607 23.15 -13.28 -17.30
C ALA A 607 21.76 -13.80 -16.89
N THR A 608 21.14 -13.17 -15.89
CA THR A 608 19.86 -13.67 -15.35
C THR A 608 18.65 -13.46 -16.28
N VAL A 609 18.83 -12.95 -17.50
CA VAL A 609 17.64 -12.55 -18.25
C VAL A 609 16.87 -13.77 -18.75
N PRO A 610 17.49 -14.76 -19.44
CA PRO A 610 16.64 -15.78 -20.10
C PRO A 610 15.85 -16.60 -19.09
N ASP A 611 16.44 -16.95 -17.94
CA ASP A 611 15.64 -17.65 -16.97
C ASP A 611 14.49 -16.78 -16.49
N ALA A 612 14.74 -15.48 -16.30
CA ALA A 612 13.65 -14.60 -15.91
C ALA A 612 12.52 -14.62 -16.94
N VAL A 613 12.84 -14.48 -18.23
CA VAL A 613 11.79 -14.52 -19.24
C VAL A 613 11.01 -15.82 -19.17
N LEU A 614 11.70 -16.94 -18.95
CA LEU A 614 10.98 -18.21 -18.90
C LEU A 614 10.12 -18.31 -17.64
N LYS A 615 10.62 -17.86 -16.51
CA LYS A 615 9.79 -17.88 -15.31
C LYS A 615 8.58 -16.98 -15.50
N CYS A 616 8.74 -15.86 -16.19
CA CYS A 616 7.60 -14.97 -16.37
C CYS A 616 6.56 -15.65 -17.23
N ARG A 617 7.00 -16.30 -18.31
CA ARG A 617 6.04 -16.95 -19.18
C ARG A 617 5.34 -18.11 -18.49
N THR A 618 6.06 -18.92 -17.69
CA THR A 618 5.33 -19.97 -16.97
C THR A 618 4.44 -19.39 -15.87
N ALA A 619 4.51 -18.09 -15.60
CA ALA A 619 3.46 -17.40 -14.86
C ALA A 619 2.45 -16.75 -15.80
N GLY A 620 2.41 -17.18 -17.05
CA GLY A 620 1.32 -16.77 -17.90
C GLY A 620 1.39 -15.34 -18.37
N ILE A 621 2.55 -14.70 -18.24
CA ILE A 621 2.78 -13.33 -18.63
C ILE A 621 3.26 -13.32 -20.08
N ARG A 622 2.41 -12.87 -20.97
CA ARG A 622 2.86 -12.64 -22.34
C ARG A 622 4.06 -11.69 -22.32
N VAL A 623 5.12 -12.02 -23.05
CA VAL A 623 6.32 -11.18 -23.06
C VAL A 623 6.61 -10.77 -24.50
N ILE A 624 6.51 -9.45 -24.79
CA ILE A 624 6.76 -8.92 -26.12
C ILE A 624 8.10 -8.21 -26.09
N MET A 625 8.80 -8.19 -27.22
CA MET A 625 10.01 -7.41 -27.35
C MET A 625 9.72 -6.16 -28.18
N VAL A 626 9.80 -5.00 -27.55
CA VAL A 626 9.79 -3.75 -28.28
C VAL A 626 11.21 -3.19 -28.29
N THR A 627 11.80 -3.10 -29.48
CA THR A 627 13.16 -2.60 -29.66
C THR A 627 13.29 -1.81 -30.95
N GLY A 628 14.16 -0.79 -30.91
CA GLY A 628 14.46 -0.03 -32.09
C GLY A 628 15.56 -0.61 -32.94
N ASP A 629 16.16 -1.72 -32.49
CA ASP A 629 17.24 -2.34 -33.23
C ASP A 629 16.70 -3.01 -34.49
N HIS A 630 17.60 -3.60 -35.25
CA HIS A 630 17.23 -4.21 -36.52
C HIS A 630 16.69 -5.61 -36.31
N PRO A 631 15.82 -6.08 -37.22
CA PRO A 631 15.00 -7.26 -36.90
C PRO A 631 15.79 -8.54 -36.75
N ILE A 632 16.88 -8.71 -37.51
CA ILE A 632 17.74 -9.88 -37.32
C ILE A 632 18.23 -9.96 -35.88
N THR A 633 18.87 -8.89 -35.40
CA THR A 633 19.33 -8.89 -34.01
C THR A 633 18.15 -9.08 -33.06
N ALA A 634 17.08 -8.33 -33.31
CA ALA A 634 15.87 -8.42 -32.51
C ALA A 634 15.47 -9.87 -32.29
N LYS A 635 15.38 -10.63 -33.39
CA LYS A 635 14.93 -12.02 -33.32
C LYS A 635 15.97 -12.89 -32.64
N ALA A 636 17.23 -12.79 -33.05
CA ALA A 636 18.30 -13.56 -32.43
C ALA A 636 18.25 -13.47 -30.91
N ILE A 637 18.25 -12.25 -30.38
CA ILE A 637 18.21 -12.11 -28.93
C ILE A 637 16.89 -12.65 -28.38
N ALA A 638 15.79 -12.38 -29.10
CA ALA A 638 14.48 -12.91 -28.73
C ALA A 638 14.53 -14.42 -28.50
N ALA A 639 15.30 -15.14 -29.33
CA ALA A 639 15.47 -16.58 -29.16
C ALA A 639 16.44 -16.89 -28.02
N SER A 640 17.58 -16.21 -27.99
CA SER A 640 18.56 -16.41 -26.92
C SER A 640 17.95 -16.30 -25.54
N VAL A 641 16.86 -15.53 -25.40
CA VAL A 641 16.31 -15.24 -24.09
C VAL A 641 15.00 -15.97 -23.82
N GLY A 642 14.27 -16.37 -24.86
CA GLY A 642 13.04 -17.11 -24.67
C GLY A 642 11.79 -16.38 -25.04
N ILE A 643 11.88 -15.16 -25.58
CA ILE A 643 10.72 -14.49 -26.17
C ILE A 643 10.09 -15.41 -27.19
N ILE A 644 10.93 -15.94 -28.10
CA ILE A 644 10.56 -16.84 -29.20
C ILE A 644 11.13 -18.20 -28.92
N SER A 645 10.28 -19.23 -28.96
CA SER A 645 10.66 -20.54 -28.43
C SER A 645 11.37 -21.40 -29.47
N GLU A 646 11.92 -22.53 -28.99
CA GLU A 646 12.50 -23.49 -29.92
C GLU A 646 11.41 -24.05 -30.82
N GLY A 647 11.75 -24.25 -32.09
CA GLY A 647 10.78 -24.78 -33.02
C GLY A 647 9.66 -23.85 -33.42
N SER A 648 9.52 -22.67 -32.81
CA SER A 648 8.56 -21.69 -33.31
C SER A 648 9.16 -20.88 -34.45
N GLU A 649 8.34 -20.61 -35.46
CA GLU A 649 8.77 -19.98 -36.70
C GLU A 649 7.91 -18.78 -37.02
N THR A 650 8.53 -17.79 -37.65
CA THR A 650 7.77 -16.72 -38.25
C THR A 650 7.25 -17.17 -39.61
N VAL A 651 6.24 -16.46 -40.12
CA VAL A 651 5.69 -16.76 -41.44
C VAL A 651 6.78 -16.74 -42.52
N GLU A 652 7.81 -15.91 -42.32
CA GLU A 652 8.93 -15.91 -43.25
C GLU A 652 9.77 -17.19 -43.12
N ASP A 653 9.74 -17.81 -41.94
CA ASP A 653 10.46 -19.07 -41.74
C ASP A 653 9.68 -20.24 -42.34
N ILE A 654 8.36 -20.22 -42.19
CA ILE A 654 7.53 -21.23 -42.83
C ILE A 654 7.70 -21.16 -44.34
N ALA A 655 7.61 -19.95 -44.90
CA ALA A 655 7.82 -19.78 -46.34
C ALA A 655 9.22 -20.21 -46.77
N ALA A 656 10.24 -19.88 -45.99
CA ALA A 656 11.60 -20.28 -46.37
C ALA A 656 11.80 -21.78 -46.26
N ARG A 657 11.09 -22.46 -45.35
CA ARG A 657 11.23 -23.90 -45.16
C ARG A 657 10.51 -24.68 -46.27
N LEU A 658 9.23 -24.34 -46.51
CA LEU A 658 8.45 -24.99 -47.56
C LEU A 658 8.74 -24.43 -48.95
N ARG A 659 9.51 -23.34 -49.05
CA ARG A 659 9.84 -22.74 -50.35
C ARG A 659 8.57 -22.34 -51.11
N VAL A 660 7.76 -21.53 -50.43
CA VAL A 660 6.46 -21.07 -50.92
C VAL A 660 6.44 -19.55 -50.83
N PRO A 661 5.77 -18.85 -51.76
CA PRO A 661 5.50 -17.43 -51.57
C PRO A 661 4.78 -17.14 -50.25
N VAL A 662 5.30 -16.15 -49.53
CA VAL A 662 4.85 -15.79 -48.18
C VAL A 662 3.34 -15.52 -48.18
N ASP A 663 2.80 -15.19 -49.36
CA ASP A 663 1.37 -14.91 -49.49
C ASP A 663 0.54 -16.15 -49.15
N GLN A 664 1.02 -17.33 -49.55
CA GLN A 664 0.26 -18.58 -49.47
C GLN A 664 0.35 -19.24 -48.11
N VAL A 665 1.24 -18.77 -47.23
CA VAL A 665 1.43 -19.39 -45.93
C VAL A 665 0.26 -19.05 -45.01
N ASN A 666 -0.19 -20.06 -44.25
CA ASN A 666 -1.25 -19.90 -43.26
C ASN A 666 -0.68 -19.18 -42.05
N ARG A 667 -1.20 -17.99 -41.73
CA ARG A 667 -0.57 -17.20 -40.68
C ARG A 667 -0.81 -17.79 -39.30
N LYS A 668 -1.81 -18.67 -39.15
CA LYS A 668 -2.04 -19.31 -37.86
C LYS A 668 -0.97 -20.34 -37.52
N ASP A 669 -0.24 -20.83 -38.53
CA ASP A 669 0.81 -21.83 -38.35
C ASP A 669 2.10 -21.25 -37.77
N ALA A 670 2.17 -19.94 -37.50
CA ALA A 670 3.37 -19.25 -37.03
C ALA A 670 3.18 -18.79 -35.58
N ARG A 671 3.80 -19.50 -34.64
CA ARG A 671 3.80 -19.02 -33.26
C ARG A 671 4.43 -17.63 -33.18
N ALA A 672 5.49 -17.40 -33.94
CA ALA A 672 6.31 -16.20 -33.84
C ALA A 672 5.93 -15.19 -34.91
N CYS A 673 6.23 -13.93 -34.64
CA CYS A 673 6.07 -12.86 -35.61
C CYS A 673 7.08 -11.77 -35.30
N VAL A 674 7.68 -11.19 -36.33
CA VAL A 674 8.57 -10.04 -36.15
C VAL A 674 8.09 -8.91 -37.07
N ILE A 675 7.36 -7.95 -36.49
CA ILE A 675 6.88 -6.79 -37.25
C ILE A 675 7.83 -5.62 -37.02
N ASN A 676 8.26 -4.99 -38.10
CA ASN A 676 9.22 -3.89 -37.97
C ASN A 676 8.52 -2.54 -38.11
N GLY A 677 9.20 -1.51 -37.60
CA GLY A 677 8.54 -0.27 -37.26
C GLY A 677 8.04 0.54 -38.43
N MET A 678 8.49 0.26 -39.65
CA MET A 678 7.98 1.02 -40.77
C MET A 678 6.97 0.21 -41.59
N GLN A 679 6.60 -0.98 -41.12
CA GLN A 679 5.31 -1.55 -41.49
C GLN A 679 4.29 -1.47 -40.36
N LEU A 680 4.73 -1.24 -39.11
CA LEU A 680 3.80 -0.98 -38.02
C LEU A 680 2.95 0.27 -38.27
N LYS A 681 3.48 1.26 -38.99
CA LYS A 681 2.65 2.41 -39.38
C LYS A 681 1.47 1.95 -40.24
N ASP A 682 1.75 1.20 -41.30
CA ASP A 682 0.74 0.77 -42.27
C ASP A 682 -0.38 -0.07 -41.65
N MET A 683 -0.24 -0.46 -40.38
CA MET A 683 -1.19 -1.34 -39.73
C MET A 683 -2.31 -0.54 -39.08
N ASP A 684 -3.52 -0.74 -39.57
CA ASP A 684 -4.74 -0.33 -38.89
C ASP A 684 -4.74 -0.91 -37.47
N PRO A 685 -5.15 -0.12 -36.45
CA PRO A 685 -5.23 -0.65 -35.07
C PRO A 685 -5.81 -2.05 -34.93
N SER A 686 -6.73 -2.42 -35.83
CA SER A 686 -7.27 -3.78 -35.83
C SER A 686 -6.34 -4.77 -36.53
N GLU A 687 -5.53 -4.31 -37.50
CA GLU A 687 -4.44 -5.15 -38.00
C GLU A 687 -3.42 -5.44 -36.91
N LEU A 688 -3.25 -4.51 -35.97
CA LEU A 688 -2.34 -4.71 -34.84
C LEU A 688 -2.95 -5.64 -33.80
N VAL A 689 -4.26 -5.55 -33.57
CA VAL A 689 -4.89 -6.47 -32.63
C VAL A 689 -4.91 -7.89 -33.19
N GLU A 690 -5.18 -8.01 -34.50
CA GLU A 690 -5.14 -9.31 -35.15
C GLU A 690 -3.75 -9.91 -35.03
N ALA A 691 -2.74 -9.19 -35.54
CA ALA A 691 -1.36 -9.69 -35.46
C ALA A 691 -0.99 -10.02 -34.01
N LEU A 692 -1.38 -9.16 -33.07
CA LEU A 692 -1.03 -9.37 -31.67
C LEU A 692 -1.61 -10.66 -31.11
N ARG A 693 -2.77 -11.09 -31.61
CA ARG A 693 -3.40 -12.27 -31.01
C ARG A 693 -3.47 -13.46 -31.96
N THR A 694 -2.76 -13.41 -33.08
CA THR A 694 -2.55 -14.53 -33.99
C THR A 694 -1.23 -15.24 -33.72
N HIS A 695 -0.14 -14.49 -33.56
CA HIS A 695 1.14 -15.05 -33.16
C HIS A 695 1.41 -14.65 -31.72
N PRO A 696 1.44 -15.58 -30.76
CA PRO A 696 1.60 -15.22 -29.35
C PRO A 696 3.03 -14.93 -28.93
N GLU A 697 4.01 -14.99 -29.83
CA GLU A 697 5.39 -14.64 -29.49
C GLU A 697 5.81 -13.48 -30.40
N MET A 698 5.65 -12.25 -29.91
CA MET A 698 5.72 -11.06 -30.74
C MET A 698 7.04 -10.33 -30.57
N VAL A 699 7.56 -9.84 -31.69
CA VAL A 699 8.81 -9.10 -31.74
C VAL A 699 8.58 -7.88 -32.60
N PHE A 700 8.55 -6.70 -31.98
CA PHE A 700 8.51 -5.43 -32.70
C PHE A 700 9.93 -4.89 -32.83
N ALA A 701 10.39 -4.71 -34.06
CA ALA A 701 11.73 -4.23 -34.34
C ALA A 701 11.67 -2.86 -34.99
N ARG A 702 12.78 -2.14 -34.91
CA ARG A 702 12.91 -0.77 -35.40
C ARG A 702 11.68 0.08 -35.07
N THR A 703 11.42 0.23 -33.78
CA THR A 703 10.21 0.90 -33.30
C THR A 703 10.58 2.19 -32.56
N SER A 704 10.08 3.32 -33.07
CA SER A 704 10.35 4.62 -32.49
C SER A 704 9.79 4.70 -31.07
N PRO A 705 10.28 5.66 -30.27
CA PRO A 705 9.74 5.76 -28.89
C PRO A 705 8.22 5.87 -28.89
N GLN A 706 7.69 6.68 -29.81
CA GLN A 706 6.24 6.77 -29.98
C GLN A 706 5.64 5.39 -30.23
N GLN A 707 6.21 4.62 -31.15
CA GLN A 707 5.64 3.31 -31.46
C GLN A 707 5.65 2.38 -30.25
N LYS A 708 6.64 2.50 -29.36
CA LYS A 708 6.56 1.71 -28.14
C LYS A 708 5.40 2.17 -27.27
N LEU A 709 5.09 3.48 -27.31
CA LEU A 709 3.87 3.96 -26.66
C LEU A 709 2.63 3.40 -27.33
N VAL A 710 2.66 3.29 -28.66
CA VAL A 710 1.50 2.75 -29.36
C VAL A 710 1.25 1.32 -28.92
N ILE A 711 2.28 0.49 -28.91
CA ILE A 711 2.10 -0.90 -28.55
C ILE A 711 1.58 -1.03 -27.12
N VAL A 712 2.20 -0.33 -26.17
CA VAL A 712 1.70 -0.40 -24.80
C VAL A 712 0.22 -0.02 -24.76
N GLU A 713 -0.15 1.08 -25.45
CA GLU A 713 -1.54 1.54 -25.43
C GLU A 713 -2.48 0.53 -26.07
N SER A 714 -2.08 -0.02 -27.22
CA SER A 714 -2.91 -0.99 -27.90
C SER A 714 -3.17 -2.20 -27.01
N CYS A 715 -2.17 -2.61 -26.22
CA CYS A 715 -2.43 -3.72 -25.30
C CYS A 715 -3.30 -3.29 -24.14
N GLN A 716 -3.20 -2.05 -23.69
CA GLN A 716 -4.06 -1.67 -22.58
C GLN A 716 -5.52 -1.59 -23.01
N ARG A 717 -5.78 -1.10 -24.23
CA ARG A 717 -7.15 -1.02 -24.72
C ARG A 717 -7.84 -2.37 -24.69
N LEU A 718 -7.09 -3.45 -24.95
CA LEU A 718 -7.61 -4.82 -24.85
C LEU A 718 -7.58 -5.34 -23.41
N GLY A 719 -7.61 -4.44 -22.43
CA GLY A 719 -7.78 -4.82 -21.04
C GLY A 719 -6.57 -5.43 -20.38
N ALA A 720 -5.43 -5.52 -21.07
CA ALA A 720 -4.22 -6.03 -20.44
C ALA A 720 -3.62 -5.01 -19.46
N ILE A 721 -3.13 -5.52 -18.33
CA ILE A 721 -2.23 -4.76 -17.48
C ILE A 721 -0.82 -4.98 -17.99
N VAL A 722 -0.23 -3.97 -18.64
CA VAL A 722 1.07 -4.13 -19.30
C VAL A 722 2.15 -3.38 -18.53
N ALA A 723 3.33 -4.00 -18.45
CA ALA A 723 4.50 -3.48 -17.75
C ALA A 723 5.61 -3.37 -18.76
N VAL A 724 6.43 -2.32 -18.66
CA VAL A 724 7.55 -2.28 -19.59
C VAL A 724 8.81 -2.14 -18.79
N THR A 725 9.89 -2.67 -19.36
CA THR A 725 11.22 -2.71 -18.79
C THR A 725 12.18 -2.06 -19.77
N GLY A 726 13.08 -1.23 -19.26
CA GLY A 726 13.77 -0.33 -20.18
C GLY A 726 14.89 0.46 -19.54
N ASP A 727 15.69 1.06 -20.42
CA ASP A 727 16.91 1.77 -20.04
C ASP A 727 16.97 3.12 -20.74
N GLY A 728 16.84 3.11 -22.07
CA GLY A 728 17.21 4.26 -22.87
C GLY A 728 16.20 5.36 -22.74
N VAL A 729 16.45 6.46 -23.44
CA VAL A 729 15.37 7.44 -23.39
C VAL A 729 14.27 7.00 -24.33
N ASN A 730 14.60 6.20 -25.35
CA ASN A 730 13.56 5.74 -26.27
C ASN A 730 12.46 4.94 -25.55
N ASP A 731 12.70 4.50 -24.30
CA ASP A 731 11.68 3.83 -23.52
C ASP A 731 10.86 4.77 -22.64
N SER A 732 11.39 5.95 -22.30
CA SER A 732 10.71 6.85 -21.35
C SER A 732 9.22 7.03 -21.63
N PRO A 733 8.76 7.31 -22.88
CA PRO A 733 7.30 7.39 -23.11
C PRO A 733 6.60 6.11 -22.72
N ALA A 734 6.93 5.00 -23.38
CA ALA A 734 6.33 3.70 -23.03
C ALA A 734 6.37 3.46 -21.55
N LEU A 735 7.54 3.63 -20.94
CA LEU A 735 7.68 3.38 -19.50
C LEU A 735 6.66 4.14 -18.71
N LYS A 736 6.35 5.38 -19.11
CA LYS A 736 5.36 6.16 -18.37
C LYS A 736 3.93 5.64 -18.61
N LYS A 737 3.58 5.34 -19.86
CA LYS A 737 2.21 4.90 -20.11
C LYS A 737 1.91 3.58 -19.40
N ALA A 738 2.89 2.68 -19.35
CA ALA A 738 2.68 1.35 -18.80
C ALA A 738 2.05 1.40 -17.43
N ASP A 739 1.34 0.33 -17.08
CA ASP A 739 0.78 0.23 -15.73
C ASP A 739 1.86 0.20 -14.68
N ILE A 740 3.06 -0.24 -15.06
CA ILE A 740 4.27 -0.12 -14.23
C ILE A 740 5.45 -0.06 -15.18
N GLY A 741 6.34 0.90 -14.93
CA GLY A 741 7.57 1.05 -15.68
C GLY A 741 8.72 0.63 -14.77
N VAL A 742 9.59 -0.20 -15.34
CA VAL A 742 10.71 -0.81 -14.63
C VAL A 742 11.97 -0.39 -15.36
N ALA A 743 12.77 0.47 -14.74
CA ALA A 743 13.97 0.97 -15.38
C ALA A 743 15.19 0.30 -14.78
N MET A 744 16.19 0.10 -15.64
CA MET A 744 17.50 -0.34 -15.19
C MET A 744 18.16 0.75 -14.35
N GLY A 745 18.50 0.41 -13.10
CA GLY A 745 19.21 1.36 -12.23
C GLY A 745 20.44 1.97 -12.87
N ILE A 746 21.31 1.12 -13.42
CA ILE A 746 22.63 1.51 -13.94
C ILE A 746 22.60 1.79 -15.44
N ALA A 747 22.17 0.81 -16.23
CA ALA A 747 22.07 1.05 -17.66
C ALA A 747 21.18 2.25 -18.00
N GLY A 748 20.19 2.58 -17.16
CA GLY A 748 19.04 3.35 -17.63
C GLY A 748 19.31 4.85 -17.71
N SER A 749 18.75 5.46 -18.75
CA SER A 749 18.83 6.90 -18.91
C SER A 749 18.06 7.59 -17.81
N ASP A 750 18.32 8.89 -17.64
CA ASP A 750 17.58 9.64 -16.62
C ASP A 750 16.09 9.69 -16.94
N ALA A 751 15.72 9.97 -18.21
CA ALA A 751 14.31 10.04 -18.57
C ALA A 751 13.57 8.74 -18.26
N ALA A 752 14.22 7.60 -18.49
CA ALA A 752 13.60 6.34 -18.17
C ALA A 752 13.49 6.15 -16.67
N LYS A 753 14.57 6.43 -15.93
CA LYS A 753 14.49 6.26 -14.50
C LYS A 753 13.40 7.15 -13.93
N ASN A 754 13.09 8.23 -14.62
CA ASN A 754 12.10 9.18 -14.16
C ASN A 754 10.70 8.70 -14.51
N ALA A 755 10.50 8.24 -15.75
CA ALA A 755 9.22 7.66 -16.15
C ALA A 755 8.85 6.48 -15.27
N ALA A 756 9.83 5.71 -14.83
CA ALA A 756 9.57 4.40 -14.23
C ALA A 756 8.94 4.52 -12.86
N ASP A 757 8.16 3.51 -12.50
CA ASP A 757 7.64 3.37 -11.15
C ASP A 757 8.57 2.58 -10.27
N MET A 758 9.53 1.88 -10.85
CA MET A 758 10.34 0.91 -10.13
C MET A 758 11.71 0.84 -10.77
N ILE A 759 12.73 0.77 -9.92
CA ILE A 759 14.11 0.84 -10.38
C ILE A 759 14.88 -0.38 -9.88
N LEU A 760 15.52 -1.08 -10.83
CA LEU A 760 16.40 -2.21 -10.56
C LEU A 760 17.79 -1.64 -10.32
N LEU A 761 18.11 -1.42 -9.05
CA LEU A 761 19.32 -0.69 -8.68
C LEU A 761 20.60 -1.38 -9.13
N ASP A 762 20.59 -2.71 -9.19
CA ASP A 762 21.76 -3.46 -9.66
C ASP A 762 21.55 -4.02 -11.07
N ASP A 763 20.52 -3.57 -11.77
CA ASP A 763 20.30 -3.98 -13.15
C ASP A 763 20.11 -5.49 -13.26
N ASN A 764 19.45 -6.07 -12.26
CA ASN A 764 19.24 -7.51 -12.21
C ASN A 764 17.82 -7.82 -12.66
N PHE A 765 17.69 -8.33 -13.88
CA PHE A 765 16.38 -8.52 -14.47
C PHE A 765 15.54 -9.51 -13.70
N ALA A 766 16.17 -10.48 -13.03
CA ALA A 766 15.37 -11.48 -12.36
C ALA A 766 14.59 -10.92 -11.20
N SER A 767 14.89 -9.71 -10.75
CA SER A 767 14.05 -9.13 -9.70
C SER A 767 12.60 -9.01 -10.17
N ILE A 768 12.40 -8.86 -11.49
CA ILE A 768 11.04 -8.82 -12.02
C ILE A 768 10.26 -10.06 -11.61
N VAL A 769 10.90 -11.23 -11.64
CA VAL A 769 10.12 -12.42 -11.28
C VAL A 769 9.87 -12.45 -9.79
N THR A 770 10.74 -11.82 -8.98
CA THR A 770 10.32 -11.72 -7.58
C THR A 770 9.23 -10.66 -7.45
N GLY A 771 9.29 -9.61 -8.28
CA GLY A 771 8.23 -8.61 -8.27
C GLY A 771 6.87 -9.23 -8.47
N VAL A 772 6.75 -10.07 -9.52
CA VAL A 772 5.51 -10.83 -9.74
C VAL A 772 5.11 -11.56 -8.47
N GLU A 773 6.03 -12.35 -7.92
CA GLU A 773 5.64 -13.21 -6.81
C GLU A 773 5.10 -12.38 -5.65
N GLN A 774 5.91 -11.43 -5.13
CA GLN A 774 5.43 -10.55 -4.07
C GLN A 774 4.12 -9.87 -4.44
N GLY A 775 3.97 -9.52 -5.72
CA GLY A 775 2.76 -8.83 -6.14
C GLY A 775 1.54 -9.71 -6.03
N ARG A 776 1.69 -10.98 -6.36
CA ARG A 776 0.54 -11.85 -6.18
C ARG A 776 0.31 -12.16 -4.72
N LEU A 777 1.29 -11.92 -3.86
CA LEU A 777 1.09 -12.23 -2.46
C LEU A 777 0.17 -11.21 -1.80
N ILE A 778 0.58 -9.95 -1.74
CA ILE A 778 -0.24 -8.95 -1.04
C ILE A 778 -1.66 -8.95 -1.59
N PHE A 779 -1.83 -9.09 -2.89
CA PHE A 779 -3.19 -9.18 -3.40
C PHE A 779 -3.93 -10.24 -2.61
N ASP A 780 -3.51 -11.49 -2.75
CA ASP A 780 -4.10 -12.56 -1.94
C ASP A 780 -4.08 -12.21 -0.45
N ASN A 781 -3.02 -11.60 0.04
CA ASN A 781 -3.03 -11.28 1.47
C ASN A 781 -3.86 -10.05 1.81
N LEU A 782 -3.96 -9.07 0.90
CA LEU A 782 -4.79 -7.89 1.18
C LEU A 782 -6.24 -8.32 1.37
N LYS A 783 -6.79 -9.12 0.46
CA LYS A 783 -8.14 -9.59 0.71
C LYS A 783 -8.25 -10.43 1.99
N LYS A 784 -7.17 -11.01 2.48
CA LYS A 784 -7.31 -11.60 3.81
C LYS A 784 -7.40 -10.52 4.88
N SER A 785 -6.58 -9.48 4.79
CA SER A 785 -6.61 -8.43 5.82
C SER A 785 -7.87 -7.58 5.70
N ILE A 786 -8.17 -7.11 4.48
CA ILE A 786 -9.41 -6.36 4.22
C ILE A 786 -10.60 -7.08 4.85
N ALA A 787 -10.82 -8.35 4.47
CA ALA A 787 -11.93 -9.11 5.01
C ALA A 787 -11.90 -9.12 6.53
N TYR A 788 -10.74 -9.40 7.11
CA TYR A 788 -10.72 -9.44 8.56
C TYR A 788 -11.12 -8.11 9.19
N THR A 789 -10.83 -6.98 8.52
CA THR A 789 -11.23 -5.71 9.11
C THR A 789 -12.64 -5.29 8.71
N LEU A 790 -13.20 -5.86 7.64
CA LEU A 790 -14.53 -5.38 7.27
C LEU A 790 -15.60 -6.03 8.13
N THR A 791 -15.44 -7.32 8.48
CA THR A 791 -16.48 -8.05 9.18
C THR A 791 -16.85 -7.40 10.51
N LYS A 792 -15.84 -7.07 11.33
CA LYS A 792 -16.13 -6.46 12.61
C LYS A 792 -16.93 -5.16 12.47
N ASN A 793 -17.22 -4.75 11.26
CA ASN A 793 -17.96 -3.54 11.11
C ASN A 793 -19.41 -3.77 11.41
N ILE A 794 -19.92 -4.93 11.07
CA ILE A 794 -21.33 -5.29 11.27
C ILE A 794 -21.69 -5.47 12.74
N PRO A 795 -20.87 -6.11 13.57
CA PRO A 795 -21.14 -6.07 15.01
C PRO A 795 -20.79 -4.75 15.69
N GLU A 796 -20.50 -3.72 14.90
CA GLU A 796 -20.46 -2.35 15.41
C GLU A 796 -21.71 -1.58 15.02
N LEU A 797 -22.18 -1.78 13.78
CA LEU A 797 -23.39 -1.12 13.30
C LEU A 797 -24.66 -1.69 13.92
N THR A 798 -24.81 -3.02 13.94
CA THR A 798 -26.10 -3.58 14.35
C THR A 798 -26.48 -3.13 15.76
N PRO A 799 -25.60 -3.16 16.78
CA PRO A 799 -26.04 -2.69 18.10
C PRO A 799 -26.63 -1.29 18.08
N TYR A 800 -26.17 -0.44 17.16
CA TYR A 800 -26.83 0.85 16.95
C TYR A 800 -28.18 0.67 16.28
N LEU A 801 -28.24 -0.10 15.19
CA LEU A 801 -29.51 -0.37 14.54
C LEU A 801 -30.57 -0.82 15.54
N ILE A 802 -30.24 -1.85 16.32
CA ILE A 802 -31.17 -2.32 17.34
C ILE A 802 -31.50 -1.18 18.29
N TYR A 803 -30.48 -0.48 18.78
CA TYR A 803 -30.67 0.62 19.71
C TYR A 803 -31.59 1.68 19.15
N ILE A 804 -31.61 1.84 17.82
CA ILE A 804 -32.58 2.72 17.20
C ILE A 804 -33.94 2.08 17.42
N THR A 805 -34.15 0.93 16.76
CA THR A 805 -35.50 0.37 16.60
C THR A 805 -36.09 -0.11 17.92
N VAL A 806 -35.30 -0.73 18.79
CA VAL A 806 -35.81 -1.30 20.03
C VAL A 806 -35.64 -0.38 21.24
N SER A 807 -34.86 0.69 21.12
CA SER A 807 -34.62 1.64 22.21
C SER A 807 -34.23 0.95 23.51
N VAL A 808 -33.17 0.16 23.42
CA VAL A 808 -32.51 -0.42 24.60
C VAL A 808 -31.30 0.45 24.90
N PRO A 809 -30.79 0.49 26.13
CA PRO A 809 -29.68 1.41 26.44
C PRO A 809 -28.47 1.14 25.56
N LEU A 810 -27.62 2.16 25.36
CA LEU A 810 -26.60 2.10 24.32
C LEU A 810 -25.67 0.91 24.50
N PRO A 811 -25.67 -0.07 23.58
CA PRO A 811 -24.74 -1.20 23.71
C PRO A 811 -23.27 -0.85 23.47
N LEU A 812 -22.95 0.03 22.53
CA LEU A 812 -21.58 0.25 22.07
C LEU A 812 -21.35 1.73 21.79
N GLY A 813 -20.33 2.32 22.44
CA GLY A 813 -20.02 3.72 22.25
C GLY A 813 -18.97 3.93 21.18
N CYS A 814 -18.88 5.17 20.70
CA CYS A 814 -17.97 5.43 19.59
C CYS A 814 -16.50 5.40 20.04
N ILE A 815 -16.17 5.97 21.19
CA ILE A 815 -14.80 5.86 21.70
C ILE A 815 -14.32 4.42 21.60
N THR A 816 -15.15 3.46 22.02
CA THR A 816 -14.64 2.10 22.07
C THR A 816 -14.52 1.50 20.68
N ILE A 817 -15.40 1.85 19.73
CA ILE A 817 -15.19 1.28 18.40
C ILE A 817 -14.04 1.98 17.68
N LEU A 818 -13.66 3.16 18.13
CA LEU A 818 -12.39 3.70 17.68
C LEU A 818 -11.25 2.85 18.22
N PHE A 819 -11.29 2.49 19.50
CA PHE A 819 -10.22 1.63 20.03
C PHE A 819 -10.14 0.30 19.28
N ILE A 820 -11.27 -0.33 18.98
CA ILE A 820 -11.20 -1.54 18.17
C ILE A 820 -10.51 -1.23 16.86
N GLU A 821 -11.14 -0.44 16.02
CA GLU A 821 -10.65 -0.20 14.68
C GLU A 821 -9.29 0.40 14.53
N LEU A 822 -8.97 1.36 15.35
CA LEU A 822 -7.70 2.01 15.22
C LEU A 822 -6.62 1.52 16.14
N CYS A 823 -6.90 0.52 16.95
CA CYS A 823 -5.88 0.07 17.87
C CYS A 823 -5.71 -1.41 18.13
N THR A 824 -6.68 -2.01 18.78
CA THR A 824 -6.55 -3.41 19.11
C THR A 824 -6.48 -4.37 17.94
N ASP A 825 -7.29 -4.20 16.93
CA ASP A 825 -7.31 -5.12 15.83
C ASP A 825 -6.36 -4.81 14.72
N ILE A 826 -5.62 -3.73 14.82
CA ILE A 826 -4.71 -3.39 13.75
C ILE A 826 -3.58 -4.37 13.51
N PHE A 827 -2.88 -4.77 14.57
CA PHE A 827 -1.76 -5.66 14.39
C PHE A 827 -2.25 -6.96 13.83
N PRO A 828 -3.25 -7.54 14.45
CA PRO A 828 -3.83 -8.70 13.76
C PRO A 828 -4.06 -8.50 12.27
N SER A 829 -4.52 -7.33 11.84
CA SER A 829 -4.89 -7.21 10.43
C SER A 829 -3.65 -7.16 9.55
N VAL A 830 -2.59 -6.47 9.97
CA VAL A 830 -1.40 -6.39 9.13
C VAL A 830 -0.54 -7.63 9.24
N SER A 831 -0.68 -8.41 10.32
CA SER A 831 0.09 -9.64 10.42
C SER A 831 -0.27 -10.62 9.32
N LEU A 832 -1.54 -10.67 8.90
CA LEU A 832 -1.94 -11.50 7.76
C LEU A 832 -1.16 -11.19 6.50
N ALA A 833 -0.37 -10.11 6.48
CA ALA A 833 0.48 -9.87 5.31
C ALA A 833 1.64 -10.86 5.24
N TYR A 834 1.94 -11.57 6.32
CA TYR A 834 3.00 -12.56 6.39
C TYR A 834 2.51 -13.98 6.04
N GLU A 835 1.41 -14.12 5.31
CA GLU A 835 0.93 -15.42 4.91
C GLU A 835 1.60 -15.88 3.62
N LYS A 836 2.19 -17.08 3.65
CA LYS A 836 2.74 -17.64 2.43
C LYS A 836 1.62 -18.00 1.46
N ALA A 837 2.00 -18.51 0.30
CA ALA A 837 0.98 -18.90 -0.67
C ALA A 837 0.23 -20.12 -0.15
N GLU A 838 -0.86 -20.43 -0.85
CA GLU A 838 -1.59 -21.67 -0.62
C GLU A 838 -1.59 -22.55 -1.86
N SER A 839 -1.55 -21.95 -3.02
CA SER A 839 -1.28 -22.68 -4.24
C SER A 839 0.11 -22.31 -4.73
N ASP A 840 0.49 -22.85 -5.88
CA ASP A 840 1.78 -22.50 -6.48
C ASP A 840 1.58 -21.22 -7.27
N ILE A 841 1.70 -20.09 -6.58
CA ILE A 841 1.40 -18.75 -7.09
C ILE A 841 2.00 -18.60 -8.48
N MET A 842 3.24 -19.06 -8.65
CA MET A 842 3.96 -18.64 -9.83
C MET A 842 3.64 -19.46 -11.08
N HIS A 843 2.87 -20.55 -10.97
CA HIS A 843 2.38 -21.24 -12.17
C HIS A 843 0.96 -20.84 -12.52
N LEU A 844 0.31 -20.02 -11.70
CA LEU A 844 -1.00 -19.49 -12.03
C LEU A 844 -0.93 -18.47 -13.18
N ARG A 845 -2.04 -18.34 -13.90
CA ARG A 845 -2.13 -17.29 -14.89
C ARG A 845 -2.31 -15.95 -14.19
N PRO A 846 -2.05 -14.84 -14.90
CA PRO A 846 -2.41 -13.53 -14.37
C PRO A 846 -3.87 -13.49 -13.93
N ARG A 847 -4.11 -12.81 -12.81
CA ARG A 847 -5.47 -12.53 -12.37
C ARG A 847 -6.28 -11.89 -13.49
N ASN A 848 -7.54 -12.29 -13.61
CA ASN A 848 -8.43 -11.62 -14.57
C ASN A 848 -9.01 -10.35 -13.95
N PRO A 849 -8.61 -9.17 -14.44
CA PRO A 849 -8.98 -7.93 -13.73
C PRO A 849 -10.48 -7.73 -13.58
N LYS A 850 -11.28 -8.19 -14.57
CA LYS A 850 -12.73 -8.07 -14.50
C LYS A 850 -13.30 -8.98 -13.42
N ARG A 851 -13.22 -10.30 -13.59
CA ARG A 851 -13.81 -11.21 -12.62
C ARG A 851 -13.03 -11.22 -11.30
N ASP A 852 -11.73 -11.41 -11.35
CA ASP A 852 -10.94 -11.58 -10.14
C ASP A 852 -10.69 -10.21 -9.52
N ARG A 853 -11.22 -9.95 -8.33
CA ARG A 853 -11.13 -8.62 -7.75
C ARG A 853 -10.79 -8.71 -6.26
N LEU A 854 -10.41 -7.56 -5.70
CA LEU A 854 -9.90 -7.54 -4.33
C LEU A 854 -10.98 -7.97 -3.34
N VAL A 855 -12.05 -7.19 -3.21
CA VAL A 855 -13.26 -7.66 -2.54
C VAL A 855 -14.39 -7.64 -3.58
N ASN A 856 -15.26 -8.64 -3.50
CA ASN A 856 -16.39 -8.76 -4.41
C ASN A 856 -17.61 -9.23 -3.62
N GLU A 857 -18.72 -9.42 -4.34
CA GLU A 857 -19.98 -9.78 -3.71
C GLU A 857 -19.90 -11.00 -2.79
N PRO A 858 -19.23 -12.10 -3.15
CA PRO A 858 -19.05 -13.20 -2.19
C PRO A 858 -18.38 -12.76 -0.89
N LEU A 859 -17.19 -12.17 -0.99
CA LEU A 859 -16.44 -11.81 0.23
C LEU A 859 -17.19 -10.79 1.08
N ALA A 860 -17.82 -9.80 0.42
CA ALA A 860 -18.58 -8.80 1.15
C ALA A 860 -19.74 -9.47 1.91
N ALA A 861 -20.64 -10.12 1.16
CA ALA A 861 -21.77 -10.83 1.76
C ALA A 861 -21.31 -11.74 2.90
N TYR A 862 -20.48 -12.72 2.57
CA TYR A 862 -20.04 -13.70 3.55
C TYR A 862 -19.42 -13.06 4.78
N SER A 863 -18.59 -12.03 4.60
CA SER A 863 -17.87 -11.49 5.74
C SER A 863 -18.75 -10.58 6.60
N TYR A 864 -19.48 -9.67 5.97
CA TYR A 864 -20.39 -8.75 6.64
C TYR A 864 -21.51 -9.54 7.31
N PHE A 865 -22.34 -10.20 6.52
CA PHE A 865 -23.66 -10.63 6.94
C PHE A 865 -23.72 -12.05 7.50
N GLN A 866 -22.59 -12.76 7.58
CA GLN A 866 -22.53 -14.07 8.21
C GLN A 866 -21.61 -14.08 9.43
N ILE A 867 -20.31 -13.87 9.25
CA ILE A 867 -19.42 -13.82 10.42
C ILE A 867 -19.72 -12.58 11.24
N GLY A 868 -20.00 -11.46 10.57
CA GLY A 868 -20.43 -10.27 11.30
C GLY A 868 -21.68 -10.54 12.12
N ALA A 869 -22.66 -11.22 11.53
CA ALA A 869 -23.86 -11.62 12.26
C ALA A 869 -23.50 -12.40 13.52
N ILE A 870 -22.75 -13.50 13.36
CA ILE A 870 -22.34 -14.31 14.50
C ILE A 870 -21.66 -13.46 15.57
N GLN A 871 -20.84 -12.51 15.13
CA GLN A 871 -20.20 -11.62 16.09
C GLN A 871 -21.23 -10.75 16.80
N SER A 872 -22.24 -10.27 16.06
CA SER A 872 -23.31 -9.47 16.67
C SER A 872 -24.00 -10.27 17.77
N PHE A 873 -24.60 -11.40 17.40
CA PHE A 873 -25.25 -12.27 18.38
C PHE A 873 -24.37 -12.48 19.60
N ALA A 874 -23.07 -12.72 19.41
CA ALA A 874 -22.17 -12.85 20.56
C ALA A 874 -22.15 -11.58 21.42
N GLY A 875 -22.17 -10.42 20.76
CA GLY A 875 -22.25 -9.17 21.50
C GLY A 875 -23.52 -9.06 22.33
N PHE A 876 -24.68 -9.19 21.68
CA PHE A 876 -25.95 -8.99 22.38
C PHE A 876 -26.13 -10.00 23.51
N THR A 877 -25.81 -11.28 23.24
CA THR A 877 -25.80 -12.29 24.30
C THR A 877 -25.00 -11.80 25.51
N ASP A 878 -23.77 -11.31 25.27
CA ASP A 878 -23.01 -10.79 26.41
C ASP A 878 -23.62 -9.52 27.02
N TYR A 879 -24.39 -8.76 26.24
CA TYR A 879 -25.07 -7.55 26.69
C TYR A 879 -26.11 -7.90 27.74
N PHE A 880 -27.08 -8.70 27.35
CA PHE A 880 -28.15 -9.06 28.24
C PHE A 880 -27.59 -9.74 29.47
N THR A 881 -26.59 -10.57 29.29
CA THR A 881 -26.02 -11.25 30.43
C THR A 881 -25.46 -10.30 31.42
N ALA A 882 -24.74 -9.31 30.96
CA ALA A 882 -24.19 -8.35 31.88
C ALA A 882 -25.30 -7.56 32.53
N MET A 883 -26.29 -7.18 31.75
CA MET A 883 -27.36 -6.40 32.29
C MET A 883 -28.12 -7.12 33.36
N ALA A 884 -28.51 -8.35 33.04
CA ALA A 884 -29.31 -9.16 33.91
C ALA A 884 -28.57 -9.46 35.18
N GLN A 885 -27.30 -9.77 35.06
CA GLN A 885 -26.48 -10.04 36.22
C GLN A 885 -26.33 -8.83 37.11
N GLU A 886 -26.26 -7.64 36.53
CA GLU A 886 -26.20 -6.43 37.30
C GLU A 886 -27.61 -5.92 37.62
N GLY A 887 -28.63 -6.54 37.06
CA GLY A 887 -30.00 -6.18 37.39
C GLY A 887 -31.09 -5.83 36.40
N TRP A 888 -30.76 -5.59 35.16
CA TRP A 888 -31.78 -5.22 34.16
C TRP A 888 -32.15 -6.41 33.31
N PHE A 889 -33.40 -6.80 33.41
CA PHE A 889 -33.90 -7.93 32.64
C PHE A 889 -34.11 -7.53 31.20
N PRO A 890 -33.98 -8.49 30.27
CA PRO A 890 -34.11 -8.17 28.85
C PRO A 890 -35.40 -7.49 28.46
N LEU A 891 -36.54 -7.92 29.00
CA LEU A 891 -37.79 -7.32 28.56
C LEU A 891 -37.92 -5.88 29.05
N LEU A 892 -37.42 -5.62 30.26
CA LEU A 892 -37.29 -4.24 30.70
C LEU A 892 -36.43 -3.43 29.74
N CYS A 893 -35.45 -4.09 29.10
CA CYS A 893 -34.53 -3.36 28.21
C CYS A 893 -35.23 -2.85 26.97
N VAL A 894 -36.27 -3.54 26.50
CA VAL A 894 -37.02 -3.03 25.36
C VAL A 894 -37.63 -1.68 25.72
N GLY A 895 -37.55 -0.74 24.78
CA GLY A 895 -37.97 0.64 25.00
C GLY A 895 -37.51 1.33 26.27
N LEU A 896 -36.36 0.99 26.85
CA LEU A 896 -35.97 1.70 28.06
C LEU A 896 -35.12 2.94 27.77
N ARG A 897 -34.51 3.02 26.58
CA ARG A 897 -33.58 4.11 26.25
C ARG A 897 -34.05 5.47 26.70
N PRO A 898 -35.27 5.95 26.37
CA PRO A 898 -35.68 7.30 26.80
C PRO A 898 -35.48 7.54 28.28
N GLN A 899 -35.92 6.59 29.11
CA GLN A 899 -35.73 6.74 30.55
C GLN A 899 -34.29 6.53 30.93
N TRP A 900 -33.59 5.65 30.22
CA TRP A 900 -32.21 5.36 30.54
C TRP A 900 -31.37 6.62 30.49
N GLU A 901 -31.40 7.32 29.37
CA GLU A 901 -30.54 8.47 29.19
C GLU A 901 -31.03 9.71 29.94
N ASN A 902 -32.28 9.70 30.41
CA ASN A 902 -32.94 10.84 31.02
C ASN A 902 -32.21 11.37 32.26
N HIS A 903 -31.42 12.42 32.10
CA HIS A 903 -30.73 13.05 33.21
C HIS A 903 -31.64 13.48 34.35
N HIS A 904 -32.96 13.49 34.14
CA HIS A 904 -33.87 13.93 35.17
C HIS A 904 -34.40 12.77 36.02
N LEU A 905 -34.31 11.54 35.54
CA LEU A 905 -34.56 10.35 36.35
C LEU A 905 -33.28 9.92 37.06
N GLN A 906 -33.17 10.25 38.35
CA GLN A 906 -32.09 9.75 39.19
C GLN A 906 -32.56 8.68 40.18
N ASP A 907 -33.67 8.04 39.86
CA ASP A 907 -34.18 6.95 40.65
C ASP A 907 -34.94 5.93 39.82
N LEU A 908 -34.41 5.55 38.66
CA LEU A 908 -35.08 4.57 37.84
C LEU A 908 -34.96 3.23 38.50
N GLN A 909 -36.00 2.43 38.37
CA GLN A 909 -36.07 1.11 38.98
C GLN A 909 -35.77 0.01 38.01
N ASP A 910 -34.92 -0.92 38.43
CA ASP A 910 -34.54 -2.07 37.62
C ASP A 910 -35.51 -3.22 37.79
N SER A 911 -35.18 -4.40 37.31
CA SER A 911 -36.06 -5.55 37.46
C SER A 911 -36.30 -6.01 38.91
N TYR A 912 -35.34 -5.74 39.80
CA TYR A 912 -35.46 -6.01 41.22
C TYR A 912 -35.93 -4.75 41.95
N GLY A 913 -36.37 -3.74 41.20
CA GLY A 913 -36.86 -2.50 41.73
C GLY A 913 -35.88 -1.67 42.51
N GLN A 914 -34.64 -1.66 42.07
CA GLN A 914 -33.63 -0.87 42.73
C GLN A 914 -33.51 0.43 41.97
N GLU A 915 -33.40 1.52 42.70
CA GLU A 915 -33.35 2.88 42.15
C GLU A 915 -31.89 3.30 41.93
N TRP A 916 -31.57 3.61 40.67
CA TRP A 916 -30.22 3.94 40.27
C TRP A 916 -30.15 5.41 39.85
N THR A 917 -29.10 6.09 40.28
CA THR A 917 -28.85 7.44 39.83
C THR A 917 -28.59 7.44 38.31
N PHE A 918 -28.31 8.61 37.75
CA PHE A 918 -27.96 8.65 36.33
C PHE A 918 -26.54 8.14 36.10
N GLY A 919 -25.58 8.60 36.92
CA GLY A 919 -24.21 8.12 36.79
C GLY A 919 -24.10 6.61 36.88
N GLN A 920 -24.85 6.00 37.79
CA GLN A 920 -24.77 4.56 37.96
C GLN A 920 -25.26 3.83 36.72
N ARG A 921 -26.44 4.18 36.21
CA ARG A 921 -26.87 3.61 34.92
C ARG A 921 -25.83 3.86 33.85
N LEU A 922 -25.10 4.98 33.94
CA LEU A 922 -24.08 5.29 32.94
C LEU A 922 -22.92 4.32 33.01
N TYR A 923 -22.37 4.10 34.21
CA TYR A 923 -21.35 3.06 34.37
C TYR A 923 -21.84 1.71 33.87
N GLN A 924 -23.10 1.38 34.14
CA GLN A 924 -23.63 0.14 33.60
C GLN A 924 -23.57 0.14 32.08
N GLN A 925 -23.83 1.28 31.46
CA GLN A 925 -23.76 1.36 30.01
C GLN A 925 -22.33 1.17 29.50
N TYR A 926 -21.38 1.83 30.16
CA TYR A 926 -19.98 1.59 29.85
C TYR A 926 -19.68 0.10 29.95
N THR A 927 -20.27 -0.58 30.92
CA THR A 927 -20.11 -2.03 31.00
C THR A 927 -20.68 -2.72 29.77
N CYS A 928 -21.78 -2.22 29.22
CA CYS A 928 -22.24 -2.81 27.96
C CYS A 928 -21.29 -2.52 26.82
N TYR A 929 -20.61 -1.37 26.86
CA TYR A 929 -19.56 -1.10 25.88
C TYR A 929 -18.47 -2.16 26.02
N THR A 930 -17.87 -2.25 27.20
CA THR A 930 -16.75 -3.16 27.39
C THR A 930 -17.15 -4.59 27.08
N VAL A 931 -18.38 -4.97 27.38
CA VAL A 931 -18.80 -6.34 27.13
C VAL A 931 -18.97 -6.60 25.64
N PHE A 932 -19.56 -5.65 24.90
CA PHE A 932 -19.68 -5.84 23.45
C PHE A 932 -18.31 -5.78 22.79
N PHE A 933 -17.40 -5.02 23.38
CA PHE A 933 -16.05 -4.86 22.85
C PHE A 933 -15.28 -6.16 22.97
N ILE A 934 -15.18 -6.72 24.19
CA ILE A 934 -14.46 -7.98 24.37
C ILE A 934 -15.15 -9.14 23.66
N SER A 935 -16.48 -9.10 23.53
CA SER A 935 -17.11 -10.05 22.62
C SER A 935 -16.52 -9.94 21.23
N ILE A 936 -16.46 -8.70 20.70
CA ILE A 936 -15.92 -8.46 19.37
C ILE A 936 -14.52 -9.04 19.25
N GLU A 937 -13.65 -8.66 20.18
CA GLU A 937 -12.28 -9.15 20.24
C GLU A 937 -12.22 -10.67 20.13
N MET A 938 -12.79 -11.38 21.11
CA MET A 938 -12.74 -12.85 21.08
C MET A 938 -13.15 -13.39 19.71
N CYS A 939 -14.23 -12.86 19.14
CA CYS A 939 -14.57 -13.35 17.80
C CYS A 939 -13.58 -12.89 16.73
N GLN A 940 -12.71 -11.94 17.05
CA GLN A 940 -11.68 -11.58 16.08
C GLN A 940 -10.45 -12.45 16.23
N ILE A 941 -10.12 -12.90 17.45
CA ILE A 941 -9.17 -13.98 17.60
C ILE A 941 -9.62 -15.19 16.80
N ALA A 942 -10.93 -15.44 16.78
CA ALA A 942 -11.40 -16.42 15.81
C ALA A 942 -11.15 -15.95 14.39
N ASP A 943 -11.25 -14.64 14.15
CA ASP A 943 -11.30 -14.16 12.76
C ASP A 943 -9.93 -14.01 12.09
N VAL A 944 -8.88 -13.70 12.86
CA VAL A 944 -7.58 -13.51 12.21
C VAL A 944 -7.03 -14.86 11.83
N LEU A 945 -7.19 -15.86 12.71
CA LEU A 945 -6.80 -17.22 12.39
C LEU A 945 -7.67 -17.79 11.30
N ILE A 946 -8.97 -17.49 11.32
CA ILE A 946 -9.72 -18.12 10.24
C ILE A 946 -9.33 -17.49 8.90
N ARG A 947 -8.89 -16.23 8.90
CA ARG A 947 -8.60 -15.63 7.61
C ARG A 947 -7.21 -15.96 7.08
N LYS A 948 -6.33 -16.56 7.91
CA LYS A 948 -5.03 -17.09 7.47
C LYS A 948 -5.10 -17.71 6.09
N THR A 949 -6.12 -18.53 5.87
CA THR A 949 -6.23 -19.35 4.69
C THR A 949 -7.60 -19.16 4.07
N ARG A 950 -7.67 -19.24 2.76
CA ARG A 950 -8.94 -19.08 2.09
C ARG A 950 -9.47 -20.37 1.50
N ARG A 951 -8.62 -21.40 1.35
CA ARG A 951 -9.03 -22.74 0.94
C ARG A 951 -8.43 -23.84 1.80
N LEU A 952 -7.25 -23.66 2.37
CA LEU A 952 -6.63 -24.72 3.15
C LEU A 952 -7.16 -24.71 4.58
N SER A 953 -6.98 -25.83 5.27
CA SER A 953 -7.38 -25.94 6.67
C SER A 953 -6.25 -25.47 7.59
N ALA A 954 -6.64 -25.01 8.77
CA ALA A 954 -5.66 -24.56 9.74
C ALA A 954 -4.89 -25.73 10.36
N PHE A 955 -5.54 -26.89 10.49
CA PHE A 955 -4.85 -28.09 10.94
C PHE A 955 -3.87 -28.59 9.90
N GLN A 956 -4.21 -28.43 8.61
CA GLN A 956 -3.28 -28.68 7.53
C GLN A 956 -1.98 -27.89 7.70
N GLN A 957 -2.06 -26.55 7.67
CA GLN A 957 -0.84 -25.74 7.57
C GLN A 957 -0.36 -25.19 8.92
N GLY A 958 -1.23 -24.58 9.72
CA GLY A 958 -0.82 -24.31 11.08
C GLY A 958 -1.62 -23.22 11.78
N PHE A 959 -1.60 -23.28 13.12
CA PHE A 959 -1.96 -22.17 13.98
C PHE A 959 -0.76 -21.26 14.27
N PHE A 960 0.45 -21.80 14.22
CA PHE A 960 1.64 -21.07 14.62
C PHE A 960 2.64 -20.86 13.48
N ARG A 961 2.29 -21.27 12.24
CA ARG A 961 2.94 -20.81 11.01
C ARG A 961 3.47 -19.38 11.18
N ASN A 962 2.53 -18.45 11.27
CA ASN A 962 2.76 -17.01 11.22
C ASN A 962 3.13 -16.51 12.61
N ARG A 963 4.44 -16.52 12.93
CA ARG A 963 4.89 -16.10 14.26
C ARG A 963 4.46 -14.68 14.58
N ILE A 964 4.42 -13.82 13.55
CA ILE A 964 4.06 -12.42 13.75
C ILE A 964 2.58 -12.29 14.11
N LEU A 965 1.72 -13.15 13.55
CA LEU A 965 0.30 -13.10 13.84
C LEU A 965 0.02 -13.56 15.27
N VAL A 966 0.68 -14.63 15.70
CA VAL A 966 0.61 -15.03 17.10
C VAL A 966 1.07 -13.88 18.01
N ILE A 967 2.20 -13.27 17.68
CA ILE A 967 2.61 -12.07 18.42
C ILE A 967 1.47 -11.06 18.48
N ALA A 968 0.84 -10.78 17.34
CA ALA A 968 -0.21 -9.76 17.27
C ALA A 968 -1.37 -10.09 18.20
N ILE A 969 -1.78 -11.36 18.25
CA ILE A 969 -2.87 -11.74 19.14
C ILE A 969 -2.48 -11.55 20.60
N VAL A 970 -1.27 -12.00 20.97
CA VAL A 970 -0.82 -11.73 22.34
C VAL A 970 -0.96 -10.25 22.64
N PHE A 971 -0.51 -9.41 21.70
CA PHE A 971 -0.65 -7.95 21.85
C PHE A 971 -2.12 -7.53 21.97
N GLN A 972 -3.01 -8.22 21.26
CA GLN A 972 -4.42 -7.87 21.25
C GLN A 972 -5.05 -8.07 22.62
N VAL A 973 -4.91 -9.27 23.19
CA VAL A 973 -5.48 -9.47 24.53
C VAL A 973 -4.69 -8.69 25.59
N CYS A 974 -3.42 -8.37 25.35
CA CYS A 974 -2.70 -7.55 26.31
C CYS A 974 -3.30 -6.16 26.43
N ILE A 975 -3.41 -5.45 25.31
CA ILE A 975 -3.98 -4.11 25.37
C ILE A 975 -5.46 -4.17 25.72
N GLY A 976 -6.16 -5.23 25.25
CA GLY A 976 -7.54 -5.46 25.67
C GLY A 976 -7.68 -5.50 27.18
N CYS A 977 -6.76 -6.18 27.86
CA CYS A 977 -6.82 -6.20 29.32
C CYS A 977 -6.38 -4.87 29.92
N PHE A 978 -5.46 -4.17 29.25
CA PHE A 978 -5.04 -2.87 29.79
C PHE A 978 -6.18 -1.86 29.75
N LEU A 979 -7.00 -1.91 28.69
CA LEU A 979 -8.13 -1.00 28.56
C LEU A 979 -9.12 -1.18 29.71
N CYS A 980 -9.25 -2.41 30.22
CA CYS A 980 -10.22 -2.70 31.26
C CYS A 980 -9.66 -2.41 32.66
N TYR A 981 -8.58 -3.08 33.02
CA TYR A 981 -8.21 -3.18 34.42
C TYR A 981 -7.22 -2.12 34.87
N CYS A 982 -6.78 -1.25 33.97
CA CYS A 982 -5.96 -0.13 34.41
C CYS A 982 -6.77 0.74 35.38
N PRO A 983 -6.16 1.20 36.47
CA PRO A 983 -6.89 2.05 37.42
C PRO A 983 -7.40 3.34 36.76
N GLY A 984 -8.72 3.52 36.78
CA GLY A 984 -9.35 4.74 36.36
C GLY A 984 -10.01 4.69 34.99
N MET A 985 -9.87 3.58 34.27
CA MET A 985 -10.31 3.53 32.88
C MET A 985 -11.73 4.02 32.64
N PRO A 986 -12.75 3.65 33.45
CA PRO A 986 -14.11 4.21 33.28
C PRO A 986 -14.20 5.69 32.87
N ASN A 987 -13.34 6.52 33.47
CA ASN A 987 -13.39 7.97 33.31
C ASN A 987 -12.46 8.51 32.25
N ILE A 988 -11.58 7.67 31.67
CA ILE A 988 -10.74 8.08 30.55
C ILE A 988 -11.43 7.72 29.24
N PHE A 989 -11.45 6.43 28.89
CA PHE A 989 -12.27 5.87 27.83
C PHE A 989 -13.32 4.99 28.48
N ASN A 990 -14.37 4.67 27.78
CA ASN A 990 -15.46 3.98 28.43
C ASN A 990 -15.31 2.48 28.52
N PHE A 991 -14.38 2.05 29.36
CA PHE A 991 -14.13 0.63 29.58
C PHE A 991 -14.03 0.45 31.05
N MET A 992 -14.49 -0.70 31.51
CA MET A 992 -14.42 -1.00 32.92
C MET A 992 -14.08 -2.44 33.10
N PRO A 993 -13.59 -2.79 34.28
CA PRO A 993 -13.17 -4.17 34.39
C PRO A 993 -14.36 -5.08 34.45
N ILE A 994 -14.60 -5.71 33.33
CA ILE A 994 -15.69 -6.63 33.18
C ILE A 994 -15.35 -7.87 33.95
N ARG A 995 -16.33 -8.50 34.59
CA ARG A 995 -16.07 -9.71 35.35
C ARG A 995 -15.66 -10.81 34.39
N PHE A 996 -14.70 -11.63 34.82
CA PHE A 996 -14.14 -12.63 33.91
C PHE A 996 -15.19 -13.62 33.41
N GLN A 997 -16.38 -13.68 34.01
CA GLN A 997 -17.48 -14.39 33.38
C GLN A 997 -17.69 -13.91 31.94
N TRP A 998 -17.71 -12.59 31.78
CA TRP A 998 -18.22 -12.00 30.54
C TRP A 998 -17.22 -12.13 29.41
N TRP A 999 -15.92 -12.28 29.74
CA TRP A 999 -14.92 -12.78 28.80
C TRP A 999 -15.33 -14.12 28.20
N LEU A 1000 -15.73 -15.07 29.06
CA LEU A 1000 -16.02 -16.43 28.57
C LEU A 1000 -17.27 -16.46 27.67
N VAL A 1001 -18.32 -15.73 28.04
CA VAL A 1001 -19.59 -15.79 27.30
C VAL A 1001 -19.49 -15.78 25.77
N PRO A 1002 -18.54 -15.03 25.13
CA PRO A 1002 -18.49 -15.03 23.65
C PRO A 1002 -17.69 -16.17 23.01
N MET A 1003 -16.72 -16.72 23.75
CA MET A 1003 -15.82 -17.74 23.22
C MET A 1003 -16.54 -18.88 22.50
N PRO A 1004 -17.72 -19.34 22.94
CA PRO A 1004 -18.49 -20.28 22.09
C PRO A 1004 -18.82 -19.73 20.72
N PHE A 1005 -19.14 -18.44 20.60
CA PHE A 1005 -19.46 -17.90 19.28
C PHE A 1005 -18.21 -17.77 18.44
N SER A 1006 -17.12 -17.33 19.08
CA SER A 1006 -15.82 -17.34 18.41
C SER A 1006 -15.56 -18.70 17.78
N LEU A 1007 -15.64 -19.76 18.61
CA LEU A 1007 -15.32 -21.10 18.12
C LEU A 1007 -16.35 -21.61 17.11
N LEU A 1008 -17.61 -21.17 17.21
CA LEU A 1008 -18.54 -21.46 16.12
C LEU A 1008 -18.08 -20.80 14.83
N ILE A 1009 -17.44 -19.62 14.93
CA ILE A 1009 -16.88 -19.01 13.72
C ILE A 1009 -15.74 -19.88 13.18
N PHE A 1010 -14.80 -20.26 14.06
CA PHE A 1010 -13.72 -21.16 13.63
C PHE A 1010 -14.27 -22.39 12.93
N VAL A 1011 -15.22 -23.09 13.56
CA VAL A 1011 -15.70 -24.37 13.05
C VAL A 1011 -16.58 -24.18 11.82
N TYR A 1012 -17.40 -23.15 11.80
CA TYR A 1012 -18.28 -22.93 10.65
C TYR A 1012 -17.47 -22.57 9.43
N ASP A 1013 -16.42 -21.77 9.61
CA ASP A 1013 -15.61 -21.41 8.46
C ASP A 1013 -14.69 -22.56 8.09
N GLU A 1014 -14.28 -23.37 9.06
CA GLU A 1014 -13.46 -24.55 8.76
C GLU A 1014 -14.26 -25.59 7.97
N ILE A 1015 -15.54 -25.77 8.27
CA ILE A 1015 -16.35 -26.63 7.40
C ILE A 1015 -16.56 -25.96 6.06
N ARG A 1016 -16.66 -24.63 6.04
CA ARG A 1016 -16.73 -23.94 4.76
C ARG A 1016 -15.49 -24.24 3.92
N LYS A 1017 -14.31 -23.94 4.47
CA LYS A 1017 -13.08 -24.23 3.76
C LYS A 1017 -12.61 -25.68 3.95
N LEU A 1018 -13.55 -26.58 4.26
CA LEU A 1018 -13.42 -28.02 4.15
C LEU A 1018 -14.23 -28.56 2.96
N GLY A 1019 -15.43 -28.04 2.76
CA GLY A 1019 -16.16 -28.37 1.56
C GLY A 1019 -15.60 -27.70 0.32
N VAL A 1020 -14.92 -26.56 0.49
CA VAL A 1020 -14.34 -25.92 -0.69
C VAL A 1020 -13.34 -26.85 -1.36
N ARG A 1021 -12.44 -27.41 -0.57
CA ARG A 1021 -11.39 -28.26 -1.10
C ARG A 1021 -11.85 -29.71 -1.28
N CYS A 1022 -12.82 -30.14 -0.47
CA CYS A 1022 -13.33 -31.50 -0.58
C CYS A 1022 -14.14 -31.69 -1.86
N CYS A 1023 -15.24 -30.93 -2.03
CA CYS A 1023 -16.08 -31.05 -3.23
C CYS A 1023 -16.02 -29.78 -4.06
N PRO A 1024 -14.93 -29.57 -4.82
CA PRO A 1024 -14.90 -28.43 -5.74
C PRO A 1024 -15.96 -28.53 -6.83
N GLY A 1025 -17.22 -28.38 -6.45
CA GLY A 1025 -18.32 -28.40 -7.39
C GLY A 1025 -18.81 -27.01 -7.74
N SER A 1026 -19.98 -26.98 -8.40
CA SER A 1026 -20.58 -25.71 -8.80
C SER A 1026 -21.25 -25.01 -7.62
N TRP A 1027 -22.27 -25.63 -7.04
CA TRP A 1027 -23.21 -24.91 -6.17
C TRP A 1027 -22.48 -24.22 -5.01
N TRP A 1028 -21.62 -24.95 -4.31
CA TRP A 1028 -21.19 -24.52 -2.98
C TRP A 1028 -20.04 -23.50 -3.02
N ASP A 1029 -19.18 -23.58 -4.04
CA ASP A 1029 -18.01 -22.70 -4.13
C ASP A 1029 -18.39 -21.29 -4.56
N GLN A 1030 -19.35 -21.15 -5.49
CA GLN A 1030 -19.76 -19.81 -5.90
C GLN A 1030 -20.25 -18.99 -4.71
N GLU A 1031 -20.94 -19.64 -3.78
CA GLU A 1031 -21.59 -18.94 -2.69
C GLU A 1031 -20.67 -18.75 -1.49
N LEU A 1032 -20.02 -19.82 -1.02
CA LEU A 1032 -19.25 -19.75 0.22
C LEU A 1032 -17.74 -19.87 0.01
N TYR A 1033 -17.24 -19.40 -1.14
CA TYR A 1033 -15.82 -19.13 -1.31
C TYR A 1033 -15.63 -17.66 -1.70
N TYR A 1034 -14.59 -17.05 -1.12
CA TYR A 1034 -14.32 -15.62 -1.34
C TYR A 1034 -12.91 -15.31 -1.88
N LEU B 29 -31.41 -9.19 -10.10
CA LEU B 29 -31.16 -9.01 -11.52
C LEU B 29 -29.90 -9.74 -11.92
N GLY B 30 -28.96 -9.87 -10.97
CA GLY B 30 -27.64 -10.43 -11.26
C GLY B 30 -27.67 -11.95 -11.33
N ARG B 31 -27.78 -12.60 -10.17
CA ARG B 31 -27.69 -14.06 -10.09
C ARG B 31 -28.91 -14.71 -10.75
N THR B 32 -28.91 -16.05 -10.72
CA THR B 32 -29.98 -16.81 -11.38
C THR B 32 -31.27 -16.75 -10.59
N LEU B 33 -32.39 -16.78 -11.33
CA LEU B 33 -33.70 -16.77 -10.68
C LEU B 33 -33.92 -18.02 -9.85
N SER B 34 -33.38 -19.16 -10.30
CA SER B 34 -33.65 -20.44 -9.66
C SER B 34 -32.87 -20.63 -8.37
N ARG B 35 -31.74 -19.96 -8.18
CA ARG B 35 -30.94 -20.09 -6.97
C ARG B 35 -30.98 -18.85 -6.09
N TRP B 36 -31.44 -17.71 -6.61
CA TRP B 36 -31.74 -16.57 -5.76
C TRP B 36 -32.58 -17.01 -4.58
N VAL B 37 -33.62 -17.81 -4.85
CA VAL B 37 -34.44 -18.40 -3.80
C VAL B 37 -33.64 -19.40 -2.97
N TRP B 38 -32.70 -20.13 -3.58
CA TRP B 38 -32.02 -21.20 -2.85
C TRP B 38 -31.14 -20.65 -1.73
N ILE B 39 -30.29 -19.65 -2.04
CA ILE B 39 -29.49 -19.09 -0.94
C ILE B 39 -30.21 -17.94 -0.25
N SER B 40 -31.24 -17.36 -0.85
CA SER B 40 -32.19 -16.61 -0.02
C SER B 40 -32.60 -17.47 1.16
N LEU B 41 -33.09 -18.67 0.87
CA LEU B 41 -33.44 -19.62 1.91
C LEU B 41 -32.23 -20.01 2.76
N TYR B 42 -31.02 -20.03 2.17
CA TYR B 42 -29.86 -20.36 2.98
C TYR B 42 -29.63 -19.31 4.06
N TYR B 43 -29.67 -18.03 3.68
CA TYR B 43 -29.57 -16.95 4.67
C TYR B 43 -30.69 -17.07 5.69
N VAL B 44 -31.90 -17.38 5.23
CA VAL B 44 -32.99 -17.61 6.17
C VAL B 44 -32.59 -18.66 7.19
N ALA B 45 -32.05 -19.79 6.71
CA ALA B 45 -31.63 -20.84 7.64
C ALA B 45 -30.55 -20.34 8.57
N PHE B 46 -29.66 -19.48 8.06
CA PHE B 46 -28.53 -18.99 8.86
C PHE B 46 -29.03 -18.13 10.01
N TYR B 47 -29.93 -17.20 9.69
CA TYR B 47 -30.52 -16.34 10.70
C TYR B 47 -31.39 -17.13 11.67
N VAL B 48 -32.22 -18.06 11.17
CA VAL B 48 -33.07 -18.79 12.11
C VAL B 48 -32.22 -19.65 13.04
N VAL B 49 -31.17 -20.30 12.50
CA VAL B 49 -30.29 -21.10 13.36
C VAL B 49 -29.69 -20.21 14.44
N MET B 50 -29.01 -19.14 14.01
CA MET B 50 -28.34 -18.22 14.94
C MET B 50 -29.32 -17.63 15.95
N SER B 51 -30.42 -17.05 15.46
CA SER B 51 -31.53 -16.60 16.29
C SER B 51 -31.88 -17.64 17.34
N GLY B 52 -32.11 -18.88 16.90
CA GLY B 52 -32.38 -19.95 17.83
C GLY B 52 -31.34 -20.01 18.93
N ILE B 53 -30.06 -20.05 18.55
CA ILE B 53 -28.99 -20.14 19.55
C ILE B 53 -29.08 -19.00 20.55
N PHE B 54 -29.36 -17.79 20.06
CA PHE B 54 -29.58 -16.65 20.94
C PHE B 54 -30.75 -16.92 21.89
N ALA B 55 -31.89 -17.34 21.33
CA ALA B 55 -33.06 -17.68 22.13
C ALA B 55 -32.72 -18.61 23.27
N LEU B 56 -32.07 -19.74 22.96
CA LEU B 56 -31.72 -20.71 24.00
C LEU B 56 -30.77 -20.09 25.02
N CYS B 57 -29.84 -19.24 24.55
CA CYS B 57 -28.93 -18.58 25.49
C CYS B 57 -29.67 -17.67 26.45
N ILE B 58 -30.72 -17.00 26.00
CA ILE B 58 -31.37 -16.07 26.90
C ILE B 58 -32.36 -16.80 27.79
N TYR B 59 -32.85 -17.98 27.33
CA TYR B 59 -33.64 -18.83 28.21
C TYR B 59 -32.81 -19.33 29.39
N VAL B 60 -31.69 -19.99 29.09
CA VAL B 60 -30.74 -20.35 30.15
C VAL B 60 -30.38 -19.13 30.99
N LEU B 61 -30.04 -18.02 30.31
CA LEU B 61 -29.74 -16.74 30.94
C LEU B 61 -30.71 -16.45 32.09
N MET B 62 -32.01 -16.44 31.80
CA MET B 62 -32.98 -16.07 32.82
C MET B 62 -33.20 -17.15 33.86
N ARG B 63 -33.09 -18.43 33.45
CA ARG B 63 -33.12 -19.51 34.42
C ARG B 63 -31.97 -19.46 35.41
N THR B 64 -30.90 -18.73 35.11
CA THR B 64 -29.73 -18.74 35.97
C THR B 64 -29.88 -17.88 37.22
N ILE B 65 -30.67 -16.80 37.15
CA ILE B 65 -30.56 -15.71 38.11
C ILE B 65 -31.67 -15.78 39.15
N ASP B 66 -31.35 -15.34 40.37
CA ASP B 66 -32.29 -15.41 41.48
C ASP B 66 -33.39 -14.38 41.31
N PRO B 67 -34.65 -14.73 41.59
CA PRO B 67 -35.76 -13.78 41.39
C PRO B 67 -35.88 -12.73 42.50
N TYR B 68 -35.21 -12.92 43.63
CA TYR B 68 -35.40 -12.05 44.78
C TYR B 68 -34.19 -11.16 45.06
N THR B 69 -33.00 -11.51 44.56
CA THR B 69 -31.77 -10.80 44.87
C THR B 69 -30.99 -10.54 43.58
N PRO B 70 -30.24 -9.44 43.51
CA PRO B 70 -29.34 -9.23 42.37
C PRO B 70 -28.03 -9.99 42.52
N ASP B 71 -27.60 -10.58 41.40
CA ASP B 71 -26.38 -11.38 41.42
C ASP B 71 -25.18 -10.57 41.89
N TYR B 72 -25.02 -9.34 41.37
CA TYR B 72 -23.77 -8.69 41.72
C TYR B 72 -23.92 -7.25 42.20
N GLN B 73 -24.87 -6.48 41.64
CA GLN B 73 -25.07 -5.06 41.96
C GLN B 73 -23.76 -4.28 42.18
N ASP B 74 -23.07 -3.92 41.09
CA ASP B 74 -21.70 -3.42 41.21
C ASP B 74 -21.58 -1.91 41.28
N GLN B 75 -22.52 -1.18 40.68
CA GLN B 75 -22.53 0.27 40.72
C GLN B 75 -23.26 0.80 41.94
N LEU B 76 -23.75 -0.08 42.82
CA LEU B 76 -24.59 0.28 43.96
C LEU B 76 -23.89 0.13 45.31
N LYS B 77 -22.59 0.44 45.38
CA LYS B 77 -21.90 0.36 46.67
C LYS B 77 -22.43 1.36 47.67
N SER B 78 -23.12 2.40 47.18
CA SER B 78 -23.71 3.47 47.99
C SER B 78 -24.98 3.90 47.27
N PRO B 79 -26.02 4.33 48.00
CA PRO B 79 -27.27 4.75 47.35
C PRO B 79 -27.30 6.22 46.99
N GLY B 80 -28.10 6.53 45.99
CA GLY B 80 -28.36 7.90 45.58
C GLY B 80 -29.64 8.39 46.26
N VAL B 81 -29.62 9.65 46.66
CA VAL B 81 -30.80 10.28 47.27
C VAL B 81 -31.43 11.23 46.25
N THR B 82 -32.71 11.04 46.01
CA THR B 82 -33.50 11.88 45.13
C THR B 82 -34.38 12.79 45.97
N LEU B 83 -35.05 13.72 45.30
CA LEU B 83 -35.69 14.85 45.95
C LEU B 83 -36.95 15.22 45.20
N ARG B 84 -37.95 15.68 45.94
CA ARG B 84 -39.19 16.18 45.36
C ARG B 84 -39.53 17.50 46.04
N PRO B 85 -40.01 18.50 45.28
CA PRO B 85 -40.28 18.38 43.85
C PRO B 85 -39.01 18.56 43.01
N ASP B 86 -38.84 17.65 42.06
CA ASP B 86 -37.69 17.70 41.18
C ASP B 86 -37.99 18.66 40.04
N VAL B 87 -37.33 19.80 40.04
CA VAL B 87 -37.39 20.72 38.92
C VAL B 87 -35.96 21.10 38.53
N TYR B 88 -35.58 20.75 37.30
CA TYR B 88 -34.27 21.04 36.74
C TYR B 88 -34.43 22.20 35.77
N GLY B 89 -33.67 23.26 35.99
CA GLY B 89 -33.63 24.29 34.99
C GLY B 89 -32.61 23.92 33.96
N GLU B 90 -31.35 24.15 34.31
CA GLU B 90 -30.22 23.55 33.63
C GLU B 90 -29.18 23.26 34.71
N LYS B 91 -28.22 22.40 34.38
CA LYS B 91 -27.12 22.07 35.28
C LYS B 91 -27.58 21.36 36.56
N GLY B 92 -28.85 20.94 36.65
CA GLY B 92 -29.30 20.25 37.84
C GLY B 92 -30.54 20.91 38.44
N LEU B 93 -30.78 20.61 39.73
CA LEU B 93 -32.02 21.01 40.39
C LEU B 93 -32.03 22.51 40.62
N ASP B 94 -33.04 23.18 40.06
CA ASP B 94 -33.18 24.63 40.18
C ASP B 94 -34.65 24.94 40.47
N ILE B 95 -34.95 25.26 41.72
CA ILE B 95 -36.31 25.50 42.18
C ILE B 95 -36.44 26.99 42.48
N SER B 96 -37.13 27.72 41.59
CA SER B 96 -37.39 29.13 41.81
C SER B 96 -38.89 29.39 41.73
N TYR B 97 -39.35 30.41 42.46
CA TYR B 97 -40.76 30.78 42.54
C TYR B 97 -40.90 32.04 43.41
N ASN B 98 -42.11 32.60 43.40
CA ASN B 98 -42.43 33.88 44.01
C ASN B 98 -43.68 33.71 44.88
N VAL B 99 -43.54 33.91 46.20
CA VAL B 99 -44.58 33.47 47.14
C VAL B 99 -45.91 34.18 46.89
N SER B 100 -45.88 35.42 46.39
CA SER B 100 -47.07 36.23 46.17
C SER B 100 -47.84 35.84 44.90
N ASP B 101 -47.45 34.77 44.22
CA ASP B 101 -47.90 34.47 42.85
C ASP B 101 -48.09 32.96 42.78
N SER B 102 -49.27 32.52 43.20
CA SER B 102 -49.66 31.12 43.29
C SER B 102 -49.19 30.31 42.10
N THR B 103 -49.17 30.93 40.91
CA THR B 103 -48.89 30.13 39.72
C THR B 103 -47.43 29.68 39.62
N THR B 104 -46.51 30.28 40.40
CA THR B 104 -45.13 29.77 40.40
C THR B 104 -44.90 28.60 41.36
N TRP B 105 -45.83 28.32 42.30
CA TRP B 105 -45.65 27.17 43.18
C TRP B 105 -46.80 26.16 43.14
N ALA B 106 -47.85 26.42 42.37
CA ALA B 106 -48.97 25.49 42.32
C ALA B 106 -48.52 24.12 41.81
N GLY B 107 -47.71 24.09 40.74
CA GLY B 107 -47.29 22.82 40.16
C GLY B 107 -46.25 22.09 41.00
N LEU B 108 -45.45 22.84 41.77
CA LEU B 108 -44.61 22.23 42.79
C LEU B 108 -45.46 21.48 43.81
N ALA B 109 -46.39 22.19 44.46
CA ALA B 109 -47.31 21.53 45.38
C ALA B 109 -47.99 20.33 44.72
N HIS B 110 -48.44 20.48 43.48
CA HIS B 110 -49.15 19.39 42.83
C HIS B 110 -48.27 18.17 42.61
N THR B 111 -46.97 18.37 42.33
CA THR B 111 -46.11 17.18 42.19
C THR B 111 -45.81 16.54 43.54
N LEU B 112 -45.81 17.34 44.62
CA LEU B 112 -45.83 16.73 45.95
C LEU B 112 -47.12 15.91 46.15
N HIS B 113 -48.28 16.48 45.83
CA HIS B 113 -49.55 15.80 46.11
C HIS B 113 -49.63 14.48 45.36
N ARG B 114 -49.37 14.50 44.05
CA ARG B 114 -49.54 13.28 43.31
C ARG B 114 -48.36 12.32 43.52
N PHE B 115 -47.26 12.80 44.12
CA PHE B 115 -46.25 11.87 44.60
C PHE B 115 -46.71 11.12 45.83
N LEU B 116 -47.34 11.82 46.79
CA LEU B 116 -47.84 11.20 48.02
C LEU B 116 -49.19 10.50 47.85
N ALA B 117 -49.80 10.55 46.66
CA ALA B 117 -51.02 9.80 46.38
C ALA B 117 -50.85 8.28 46.53
N GLY B 118 -49.62 7.78 46.64
CA GLY B 118 -49.36 6.39 46.95
C GLY B 118 -48.74 6.24 48.31
N TYR B 119 -48.83 7.26 49.15
CA TYR B 119 -48.47 7.20 50.56
C TYR B 119 -49.71 7.42 51.44
N SER B 120 -50.89 7.37 50.81
CA SER B 120 -52.13 7.51 51.53
C SER B 120 -52.48 6.19 52.21
N PRO B 121 -53.14 6.24 53.37
CA PRO B 121 -53.66 5.00 53.97
C PRO B 121 -54.51 4.18 53.02
N ALA B 122 -55.32 4.78 52.19
CA ALA B 122 -56.08 3.94 51.34
C ALA B 122 -55.21 3.11 50.41
N ALA B 123 -54.26 3.76 49.77
CA ALA B 123 -53.34 3.09 48.84
C ALA B 123 -52.33 2.14 49.46
N GLN B 124 -51.83 2.53 50.61
CA GLN B 124 -50.79 1.82 51.33
C GLN B 124 -51.34 0.79 52.33
N GLU B 125 -52.48 0.19 52.01
CA GLU B 125 -53.13 -0.79 52.86
C GLU B 125 -52.27 -2.02 53.05
N GLY B 126 -51.67 -2.52 51.98
CA GLY B 126 -50.92 -3.74 52.12
C GLY B 126 -49.51 -3.68 52.66
N SER B 127 -49.40 -3.25 53.90
CA SER B 127 -48.13 -3.18 54.60
C SER B 127 -48.42 -3.15 56.09
N ILE B 128 -47.44 -3.45 56.92
CA ILE B 128 -47.59 -3.51 58.37
C ILE B 128 -47.16 -2.30 59.14
N ASN B 129 -47.66 -2.13 60.36
CA ASN B 129 -47.26 -0.99 61.18
C ASN B 129 -45.91 -1.29 61.85
N CYS B 130 -44.82 -0.80 61.26
CA CYS B 130 -43.50 -1.04 61.80
C CYS B 130 -43.32 -0.29 63.12
N THR B 131 -43.08 -1.04 64.21
CA THR B 131 -42.59 -0.46 65.45
C THR B 131 -41.33 -1.17 65.93
N SER B 132 -40.71 -1.94 65.05
CA SER B 132 -39.57 -2.71 65.42
C SER B 132 -38.47 -1.82 65.92
N GLU B 133 -38.25 -0.72 65.23
CA GLU B 133 -37.23 0.29 65.53
C GLU B 133 -35.77 -0.15 65.46
N LYS B 134 -35.54 -1.19 64.69
CA LYS B 134 -34.25 -1.80 64.38
C LYS B 134 -34.45 -2.61 63.09
N TYR B 135 -33.34 -3.02 62.44
CA TYR B 135 -33.38 -3.70 61.13
C TYR B 135 -34.33 -4.86 61.17
N PHE B 136 -35.21 -4.87 60.21
CA PHE B 136 -36.24 -5.88 60.17
C PHE B 136 -35.84 -6.90 59.16
N PHE B 137 -35.45 -8.07 59.65
CA PHE B 137 -34.97 -9.14 58.79
C PHE B 137 -35.96 -10.25 58.64
N GLN B 138 -36.32 -10.54 57.41
CA GLN B 138 -37.26 -11.59 57.18
C GLN B 138 -36.53 -12.72 56.55
N GLU B 139 -36.44 -13.87 57.20
CA GLU B 139 -35.85 -14.99 56.47
C GLU B 139 -36.90 -15.83 55.77
N SER B 140 -38.13 -15.84 56.29
CA SER B 140 -39.18 -16.68 55.75
C SER B 140 -40.29 -15.78 55.20
N PHE B 141 -40.87 -16.20 54.07
CA PHE B 141 -41.82 -15.39 53.28
C PHE B 141 -43.26 -15.70 53.70
N LEU B 142 -43.88 -14.76 54.42
CA LEU B 142 -45.21 -14.97 55.00
C LEU B 142 -46.09 -13.79 54.55
N ALA B 143 -46.87 -14.00 53.47
CA ALA B 143 -47.83 -13.04 52.91
C ALA B 143 -48.45 -13.63 51.64
N PRO B 144 -49.62 -13.13 51.21
CA PRO B 144 -50.36 -13.80 50.13
C PRO B 144 -49.52 -14.12 48.90
N ASN B 145 -49.71 -15.35 48.40
CA ASN B 145 -49.01 -15.85 47.21
C ASN B 145 -47.49 -15.73 47.31
N HIS B 146 -46.99 -15.91 48.54
CA HIS B 146 -45.57 -16.00 48.87
C HIS B 146 -44.86 -14.68 48.60
N THR B 147 -45.36 -13.62 49.19
CA THR B 147 -44.63 -12.37 49.21
C THR B 147 -44.21 -12.11 50.65
N LYS B 148 -43.47 -11.03 50.89
CA LYS B 148 -43.09 -10.77 52.25
C LYS B 148 -43.65 -9.41 52.69
N PHE B 149 -43.40 -9.07 53.95
CA PHE B 149 -44.08 -7.97 54.61
C PHE B 149 -43.28 -6.67 54.48
N SER B 150 -43.97 -5.58 54.14
CA SER B 150 -43.37 -4.26 54.08
C SER B 150 -43.84 -3.44 55.27
N CYS B 151 -43.07 -2.40 55.62
CA CYS B 151 -43.52 -1.46 56.62
C CYS B 151 -44.57 -0.50 56.04
N LYS B 152 -45.12 0.35 56.92
CA LYS B 152 -45.96 1.48 56.53
C LYS B 152 -45.09 2.72 56.40
N PHE B 153 -45.34 3.53 55.35
CA PHE B 153 -45.01 4.96 55.42
C PHE B 153 -46.16 5.71 54.79
N THR B 154 -47.06 6.21 55.64
CA THR B 154 -48.21 7.04 55.28
C THR B 154 -47.84 8.50 55.36
N ALA B 155 -48.51 9.30 54.50
CA ALA B 155 -48.20 10.73 54.37
C ALA B 155 -48.11 11.45 55.71
N ASP B 156 -49.03 11.17 56.64
CA ASP B 156 -49.16 11.99 57.84
C ASP B 156 -47.89 11.99 58.69
N MET B 157 -46.99 11.04 58.44
CA MET B 157 -45.75 10.99 59.21
C MET B 157 -44.83 12.15 58.90
N LEU B 158 -45.00 12.76 57.74
CA LEU B 158 -44.28 13.97 57.40
C LEU B 158 -44.93 15.21 58.02
N GLN B 159 -46.13 15.05 58.58
CA GLN B 159 -46.75 16.01 59.48
C GLN B 159 -46.96 17.36 58.81
N ASN B 160 -46.27 18.41 59.28
CA ASN B 160 -46.37 19.73 58.65
C ASN B 160 -46.09 19.71 57.15
N CYS B 161 -45.49 18.66 56.61
CA CYS B 161 -45.25 18.56 55.18
C CYS B 161 -46.04 17.43 54.54
N SER B 162 -47.20 17.08 55.11
CA SER B 162 -47.97 15.96 54.57
C SER B 162 -49.01 16.37 53.54
N GLY B 163 -49.28 17.68 53.37
CA GLY B 163 -50.39 18.16 52.57
C GLY B 163 -51.58 18.64 53.37
N ARG B 164 -51.62 18.30 54.67
CA ARG B 164 -52.51 18.78 55.70
C ARG B 164 -51.63 19.20 56.88
N PRO B 165 -51.94 20.34 57.52
CA PRO B 165 -53.06 21.24 57.22
C PRO B 165 -52.83 22.03 55.93
N ASP B 166 -51.55 22.25 55.61
CA ASP B 166 -51.14 23.07 54.48
C ASP B 166 -51.11 22.22 53.21
N PRO B 167 -51.93 22.52 52.19
CA PRO B 167 -51.80 21.85 50.90
C PRO B 167 -50.81 22.52 49.97
N THR B 168 -50.15 23.60 50.39
CA THR B 168 -49.05 24.18 49.62
C THR B 168 -47.69 23.70 50.11
N PHE B 169 -47.66 22.85 51.15
CA PHE B 169 -46.43 22.27 51.69
C PHE B 169 -45.42 23.36 52.04
N GLY B 170 -45.89 24.38 52.74
CA GLY B 170 -44.98 25.42 53.22
C GLY B 170 -44.46 26.35 52.16
N PHE B 171 -44.96 26.25 50.92
CA PHE B 171 -44.47 27.15 49.88
C PHE B 171 -45.06 28.55 50.05
N ALA B 172 -46.38 28.65 50.09
CA ALA B 172 -47.02 29.95 50.27
C ALA B 172 -46.36 30.77 51.36
N GLU B 173 -45.99 30.12 52.48
CA GLU B 173 -45.32 30.84 53.58
C GLU B 173 -43.96 31.38 53.16
N GLY B 174 -43.17 30.56 52.47
CA GLY B 174 -41.78 30.83 52.27
C GLY B 174 -40.85 29.88 52.98
N LYS B 175 -41.36 28.74 53.45
CA LYS B 175 -40.57 27.71 54.14
C LYS B 175 -40.93 26.38 53.51
N PRO B 176 -40.52 26.17 52.27
CA PRO B 176 -41.05 25.03 51.52
C PRO B 176 -40.56 23.70 52.07
N CYS B 177 -41.38 22.67 51.86
CA CYS B 177 -41.08 21.32 52.29
C CYS B 177 -40.59 20.51 51.09
N PHE B 178 -39.30 20.14 51.12
CA PHE B 178 -38.72 19.20 50.18
C PHE B 178 -38.69 17.80 50.77
N ILE B 179 -39.03 16.82 49.96
CA ILE B 179 -39.18 15.43 50.36
C ILE B 179 -37.96 14.68 49.84
N ILE B 180 -37.08 14.34 50.76
CA ILE B 180 -35.85 13.61 50.48
C ILE B 180 -36.12 12.13 50.62
N LYS B 181 -35.59 11.36 49.66
CA LYS B 181 -35.85 9.92 49.60
C LYS B 181 -34.57 9.20 49.18
N MET B 182 -34.26 8.09 49.86
CA MET B 182 -33.11 7.26 49.50
C MET B 182 -33.51 6.15 48.54
N ASN B 183 -32.68 5.95 47.51
CA ASN B 183 -32.87 4.86 46.55
C ASN B 183 -32.79 3.51 47.27
N ARG B 184 -33.52 2.52 46.76
CA ARG B 184 -33.57 1.21 47.41
C ARG B 184 -32.61 0.24 46.74
N ILE B 185 -31.84 -0.48 47.56
CA ILE B 185 -30.84 -1.45 47.12
C ILE B 185 -31.05 -2.74 47.92
N VAL B 186 -31.33 -3.85 47.22
CA VAL B 186 -31.72 -5.10 47.85
C VAL B 186 -30.68 -5.51 48.88
N LYS B 187 -31.13 -5.76 50.10
CA LYS B 187 -30.33 -6.22 51.23
C LYS B 187 -29.30 -5.20 51.72
N PHE B 188 -29.31 -3.96 51.20
CA PHE B 188 -28.35 -2.98 51.67
C PHE B 188 -28.71 -2.55 53.09
N LEU B 189 -27.69 -2.30 53.91
CA LEU B 189 -27.86 -1.89 55.30
C LEU B 189 -27.03 -0.64 55.57
N PRO B 190 -27.60 0.41 56.16
CA PRO B 190 -26.89 1.68 56.33
C PRO B 190 -26.15 1.93 57.64
N GLY B 191 -26.39 1.13 58.68
CA GLY B 191 -25.68 1.31 59.93
C GLY B 191 -26.44 0.71 61.08
N ASN B 192 -25.77 0.68 62.23
CA ASN B 192 -26.36 0.22 63.48
C ASN B 192 -26.52 1.33 64.51
N SER B 193 -25.54 2.23 64.57
CA SER B 193 -25.38 3.18 65.67
C SER B 193 -26.67 3.93 66.00
N THR B 194 -27.19 4.69 65.02
CA THR B 194 -28.50 5.36 65.13
C THR B 194 -29.28 5.09 63.84
N ALA B 195 -30.37 5.81 63.61
CA ALA B 195 -31.02 5.77 62.31
C ALA B 195 -30.30 6.69 61.34
N PRO B 196 -30.29 6.36 60.04
CA PRO B 196 -29.68 7.25 59.04
C PRO B 196 -30.50 8.53 58.92
N ARG B 197 -29.86 9.66 59.18
CA ARG B 197 -30.57 10.93 59.25
C ARG B 197 -30.05 11.89 58.18
N VAL B 198 -30.94 12.71 57.60
CA VAL B 198 -30.53 13.66 56.58
C VAL B 198 -30.12 14.98 57.22
N ASP B 199 -29.31 15.74 56.48
CA ASP B 199 -28.79 17.02 56.97
C ASP B 199 -28.65 17.95 55.78
N CYS B 200 -29.53 18.96 55.71
CA CYS B 200 -29.45 19.98 54.69
C CYS B 200 -28.80 21.23 55.27
N ALA B 201 -27.94 21.86 54.49
CA ALA B 201 -27.31 23.12 54.88
C ALA B 201 -26.87 23.87 53.63
N PHE B 202 -26.58 25.16 53.82
CA PHE B 202 -26.03 25.99 52.77
C PHE B 202 -24.69 25.43 52.29
N LEU B 203 -24.19 25.99 51.20
CA LEU B 203 -22.78 25.82 50.85
C LEU B 203 -22.05 27.07 51.35
N ASP B 204 -21.21 26.88 52.37
CA ASP B 204 -20.93 27.87 53.43
C ASP B 204 -20.85 29.31 52.92
N GLN B 205 -21.63 30.19 53.55
CA GLN B 205 -21.58 31.64 53.31
C GLN B 205 -21.42 32.36 54.65
N PRO B 206 -20.42 31.98 55.45
CA PRO B 206 -20.52 32.19 56.92
C PRO B 206 -20.45 33.65 57.36
N ARG B 207 -19.72 34.51 56.64
CA ARG B 207 -19.59 35.90 57.06
C ARG B 207 -20.90 36.66 56.82
N ASP B 208 -21.52 36.47 55.66
CA ASP B 208 -22.63 37.31 55.21
C ASP B 208 -23.98 36.61 55.40
N GLY B 209 -24.26 36.21 56.64
CA GLY B 209 -25.53 35.62 56.97
C GLY B 209 -25.44 34.43 57.91
N PRO B 210 -26.54 34.13 58.59
CA PRO B 210 -26.57 32.99 59.53
C PRO B 210 -26.47 31.67 58.78
N PRO B 211 -26.42 30.54 59.50
CA PRO B 211 -26.48 29.23 58.84
C PRO B 211 -27.90 28.71 58.73
N LEU B 212 -28.09 27.80 57.77
CA LEU B 212 -29.41 27.26 57.48
C LEU B 212 -29.99 26.54 58.70
N GLN B 213 -31.32 26.64 58.85
CA GLN B 213 -32.03 25.92 59.89
C GLN B 213 -33.29 25.31 59.29
N VAL B 214 -33.52 24.03 59.61
CA VAL B 214 -34.51 23.18 58.96
C VAL B 214 -35.24 22.41 60.04
N GLU B 215 -36.55 22.22 59.86
CA GLU B 215 -37.26 21.23 60.64
C GLU B 215 -37.64 20.05 59.75
N TYR B 216 -37.22 18.85 60.15
CA TYR B 216 -37.43 17.63 59.38
C TYR B 216 -38.61 16.84 59.96
N PHE B 217 -39.27 16.05 59.11
CA PHE B 217 -40.38 15.22 59.57
C PHE B 217 -40.30 13.87 58.87
N PRO B 218 -40.33 12.74 59.63
CA PRO B 218 -40.32 12.61 61.09
C PRO B 218 -39.08 13.24 61.73
N ALA B 219 -39.08 13.43 63.05
CA ALA B 219 -38.11 14.34 63.66
C ALA B 219 -36.70 13.80 63.60
N ASN B 220 -35.74 14.73 63.71
CA ASN B 220 -34.29 14.52 63.57
C ASN B 220 -33.90 14.15 62.14
N GLY B 221 -34.86 13.97 61.24
CA GLY B 221 -34.61 13.63 59.85
C GLY B 221 -34.37 12.16 59.58
N THR B 222 -34.93 11.27 60.40
CA THR B 222 -34.52 9.87 60.43
C THR B 222 -35.48 8.99 59.64
N TYR B 223 -34.92 8.17 58.76
CA TYR B 223 -35.63 7.00 58.23
C TYR B 223 -35.41 5.88 59.22
N SER B 224 -36.47 5.45 59.90
CA SER B 224 -36.33 4.36 60.87
C SER B 224 -35.71 3.14 60.22
N LEU B 225 -34.85 2.44 60.98
CA LEU B 225 -34.09 1.33 60.42
C LEU B 225 -34.94 0.11 60.17
N HIS B 226 -36.20 0.08 60.61
CA HIS B 226 -37.03 -1.04 60.23
C HIS B 226 -37.40 -0.99 58.76
N TYR B 227 -37.14 0.14 58.11
CA TYR B 227 -37.35 0.30 56.68
C TYR B 227 -36.23 -0.30 55.82
N PHE B 228 -35.15 -0.79 56.44
CA PHE B 228 -34.12 -1.53 55.72
C PHE B 228 -33.93 -2.91 56.35
N PRO B 229 -33.70 -3.96 55.53
CA PRO B 229 -33.44 -3.86 54.10
C PRO B 229 -34.62 -4.17 53.14
N TYR B 230 -34.39 -3.81 51.88
CA TYR B 230 -35.29 -4.10 50.78
C TYR B 230 -35.02 -5.51 50.30
N TYR B 231 -36.07 -6.30 50.07
CA TYR B 231 -35.89 -7.66 49.58
C TYR B 231 -36.32 -7.83 48.14
N GLY B 232 -36.62 -6.75 47.44
CA GLY B 232 -36.88 -6.95 46.03
C GLY B 232 -38.35 -6.79 45.71
N LYS B 233 -38.61 -6.25 44.52
CA LYS B 233 -39.96 -6.00 44.02
C LYS B 233 -40.80 -7.27 43.94
N LYS B 234 -40.19 -8.47 43.96
CA LYS B 234 -41.01 -9.68 43.97
C LYS B 234 -41.34 -10.10 45.40
N ALA B 235 -40.40 -9.93 46.32
CA ALA B 235 -40.62 -10.27 47.72
C ALA B 235 -41.57 -9.29 48.41
N GLN B 236 -41.65 -8.04 47.94
CA GLN B 236 -42.44 -7.01 48.60
C GLN B 236 -43.15 -6.16 47.55
N PRO B 237 -44.10 -6.75 46.80
CA PRO B 237 -44.71 -6.01 45.67
C PRO B 237 -45.36 -4.69 46.08
N HIS B 238 -45.70 -4.52 47.35
CA HIS B 238 -46.37 -3.34 47.86
C HIS B 238 -45.48 -2.57 48.81
N TYR B 239 -44.29 -2.19 48.38
CA TYR B 239 -43.30 -1.58 49.25
C TYR B 239 -43.20 -0.09 48.95
N SER B 240 -42.66 0.68 49.90
CA SER B 240 -42.60 2.13 49.74
C SER B 240 -41.44 2.72 50.55
N ASN B 241 -40.64 3.55 49.90
CA ASN B 241 -39.45 4.08 50.54
C ASN B 241 -39.84 5.01 51.70
N PRO B 242 -39.12 4.96 52.83
CA PRO B 242 -39.30 5.99 53.86
C PRO B 242 -38.89 7.35 53.34
N LEU B 243 -39.54 8.39 53.86
CA LEU B 243 -39.31 9.77 53.48
C LEU B 243 -38.81 10.56 54.67
N VAL B 244 -38.15 11.66 54.36
CA VAL B 244 -38.09 12.73 55.33
C VAL B 244 -38.46 14.00 54.57
N ALA B 245 -38.90 14.99 55.31
CA ALA B 245 -39.30 16.28 54.75
C ALA B 245 -38.47 17.34 55.43
N ALA B 246 -37.64 18.02 54.65
CA ALA B 246 -36.92 19.19 55.12
C ALA B 246 -37.80 20.41 54.89
N LYS B 247 -38.04 21.18 55.96
CA LYS B 247 -38.82 22.41 55.94
C LYS B 247 -37.85 23.55 56.25
N LEU B 248 -37.55 24.36 55.23
CA LEU B 248 -36.48 25.37 55.29
C LEU B 248 -37.01 26.68 55.88
N LEU B 249 -36.68 26.95 57.14
CA LEU B 249 -37.27 28.08 57.84
C LEU B 249 -36.41 29.34 57.78
N ASN B 250 -35.17 29.23 57.32
CA ASN B 250 -34.19 30.29 57.48
C ASN B 250 -33.95 31.11 56.22
N VAL B 251 -34.34 30.61 55.05
CA VAL B 251 -33.69 30.97 53.78
C VAL B 251 -34.08 32.39 53.38
N PRO B 252 -33.15 33.22 52.88
CA PRO B 252 -33.50 34.62 52.60
C PRO B 252 -34.24 34.78 51.29
N ARG B 253 -35.03 35.86 51.24
CA ARG B 253 -35.88 36.12 50.10
C ARG B 253 -35.04 36.74 48.98
N ASN B 254 -35.51 36.56 47.74
CA ASN B 254 -34.92 37.17 46.55
C ASN B 254 -33.38 37.05 46.57
N ARG B 255 -32.88 35.89 46.96
CA ARG B 255 -31.44 35.60 46.89
C ARG B 255 -31.24 34.12 46.58
N ASP B 256 -30.42 33.86 45.57
CA ASP B 256 -30.04 32.49 45.24
C ASP B 256 -29.26 31.87 46.39
N VAL B 257 -29.64 30.65 46.75
CA VAL B 257 -28.89 29.85 47.71
C VAL B 257 -28.75 28.46 47.12
N VAL B 258 -27.62 27.82 47.39
CA VAL B 258 -27.44 26.41 47.03
C VAL B 258 -27.53 25.60 48.32
N ILE B 259 -28.30 24.52 48.29
CA ILE B 259 -28.58 23.74 49.49
C ILE B 259 -28.24 22.28 49.22
N VAL B 260 -27.52 21.67 50.16
CA VAL B 260 -27.10 20.28 50.06
C VAL B 260 -27.75 19.49 51.20
N CYS B 261 -28.33 18.34 50.86
CA CYS B 261 -28.86 17.39 51.83
C CYS B 261 -28.03 16.12 51.73
N LYS B 262 -27.20 15.87 52.74
CA LYS B 262 -26.42 14.66 52.86
C LYS B 262 -27.13 13.66 53.76
N ILE B 263 -26.88 12.38 53.54
CA ILE B 263 -27.37 11.35 54.45
C ILE B 263 -26.23 10.99 55.39
N LEU B 264 -26.41 11.27 56.66
CA LEU B 264 -25.46 10.87 57.69
C LEU B 264 -25.78 9.45 58.12
N ALA B 265 -24.82 8.55 57.87
CA ALA B 265 -24.89 7.11 58.12
C ALA B 265 -23.50 6.54 57.83
N GLU B 266 -23.17 5.44 58.49
CA GLU B 266 -21.83 4.89 58.30
C GLU B 266 -21.69 4.23 56.93
N HIS B 267 -22.65 3.40 56.54
CA HIS B 267 -22.52 2.65 55.28
C HIS B 267 -23.07 3.44 54.11
N VAL B 268 -22.69 4.72 54.00
CA VAL B 268 -23.11 5.56 52.88
C VAL B 268 -22.03 6.60 52.58
N SER B 269 -21.80 6.80 51.29
CA SER B 269 -20.85 7.79 50.78
C SER B 269 -21.59 8.99 50.23
N PHE B 270 -21.12 10.20 50.56
CA PHE B 270 -21.77 11.39 50.06
C PHE B 270 -20.80 12.35 49.37
N ASP B 271 -19.65 11.89 48.91
CA ASP B 271 -18.73 12.74 48.16
C ASP B 271 -18.01 11.93 47.08
N ASN B 272 -18.81 11.29 46.21
CA ASN B 272 -18.31 10.64 45.00
C ASN B 272 -18.29 11.67 43.88
N PRO B 273 -17.11 12.18 43.46
CA PRO B 273 -17.10 13.29 42.51
C PRO B 273 -17.62 12.95 41.12
N HIS B 274 -17.70 11.67 40.76
CA HIS B 274 -18.26 11.28 39.47
C HIS B 274 -19.75 11.00 39.55
N ASP B 275 -20.38 11.28 40.69
CA ASP B 275 -21.83 11.17 40.83
C ASP B 275 -22.25 12.12 41.94
N PRO B 276 -22.79 13.30 41.59
CA PRO B 276 -23.13 14.30 42.60
C PRO B 276 -24.44 14.00 43.34
N TYR B 277 -25.14 12.94 42.94
CA TYR B 277 -26.37 12.50 43.59
C TYR B 277 -26.18 11.26 44.46
N GLU B 278 -24.95 10.84 44.71
CA GLU B 278 -24.71 9.63 45.50
C GLU B 278 -24.62 10.04 46.97
N GLY B 279 -25.68 9.76 47.73
CA GLY B 279 -25.75 10.12 49.13
C GLY B 279 -26.18 11.54 49.41
N LYS B 280 -26.09 12.45 48.44
CA LYS B 280 -26.41 13.86 48.63
C LYS B 280 -27.32 14.32 47.51
N VAL B 281 -28.07 15.41 47.78
CA VAL B 281 -28.72 16.21 46.74
C VAL B 281 -28.28 17.64 46.91
N GLU B 282 -27.99 18.30 45.80
CA GLU B 282 -27.86 19.74 45.77
C GLU B 282 -29.07 20.28 45.03
N PHE B 283 -29.45 21.50 45.38
CA PHE B 283 -30.35 22.23 44.52
C PHE B 283 -30.15 23.72 44.72
N LYS B 284 -30.45 24.47 43.68
CA LYS B 284 -30.47 25.91 43.78
C LYS B 284 -31.91 26.32 44.09
N LEU B 285 -32.07 27.10 45.15
CA LEU B 285 -33.37 27.59 45.62
C LEU B 285 -33.37 29.12 45.62
N LYS B 286 -34.43 29.68 45.05
CA LYS B 286 -34.68 31.11 45.09
C LYS B 286 -36.14 31.33 45.44
N ILE B 287 -36.39 32.04 46.54
CA ILE B 287 -37.75 32.32 46.99
C ILE B 287 -37.94 33.82 46.93
N GLN B 288 -38.72 34.26 45.96
CA GLN B 288 -38.96 35.68 45.74
C GLN B 288 -40.25 36.11 46.42
N LYS B 289 -40.25 37.35 46.91
CA LYS B 289 -41.48 37.99 47.40
C LYS B 289 -41.57 39.30 46.62
#